data_8Y2H
#
_entry.id   8Y2H
#
_cell.length_a   1.00
_cell.length_b   1.00
_cell.length_c   1.00
_cell.angle_alpha   90.00
_cell.angle_beta   90.00
_cell.angle_gamma   90.00
#
_symmetry.space_group_name_H-M   'P 1'
#
loop_
_entity.id
_entity.type
_entity.pdbx_description
1 polymer 'Delta-1-pyrroline-5-carboxylate synthase A'
2 non-polymer "ADENOSINE-5'-TRIPHOSPHATE"
#
_entity_poly.entity_id   1
_entity_poly.type   'polypeptide(L)'
_entity_poly.pdbx_seq_one_letter_code
;MGSSHHHHHHMEELDRSRAFARDVKRIVVKVGTAVVTGKGGRLALGRLGALCEQLAELNSDGFEVILVSSGAVGLGRQRL
RYRQLVNSSFADLQKPQTELDGKACAGVGQSSLMAYYETMFDQLDVTAAQLLVNDSSFRDKDFRKQLNETVKSMLDLRVI
PIFNENDAISTRRAPYQDSSGIFWDNDSLAALLALELKADLLILLSDVEGLYTGPPSDPNSKLIHTFVKEKHQDEITFGD
KSRLGRGGMTAKVKAAVNAAYAGIPVIITSGYSAENIDKVLRGLRVGTLFHQDARLWAPITDSNARDMAVAARESSRKLQ
ALSSEDRKKILLDIADALEANVTTIKAENELDVASAQEAGLEESMVARLVMTPGKISSLAASVRKLADMEDPIGRVLKKT
EVADGLVLEKTSSPLGVLLIVFESRPDALVQIASLAIRSGNGLLLKGGKEARRSNAILHKVITDAIPETVGGKLIGLVTS
REEIPDLLKLDDVIDLVIPRGSNKLVTQIKNTTKIPVLGHADGICHVYVDKACDTDMAKRIVSDAKLDYPAACNAMETLL
VHKDLEQNAVLNELIFALQSNGVTLYGGPRASKILNIPEARSFNHEYCAKACTVEVVEDVYGAIDHIHRHGSAHTDCIVT
EDHEVAELFLRQVDSAAVFHNASTRFSDGFRFGLGAEVGVSTGRIHARGPVGVEGLLTTRWIMRGKGQVVDGDNGIVYTH
QDIPIQA
;
_entity_poly.pdbx_strand_id   B,A,F,C,G,D,H,E
#
# COMPACT_ATOMS: atom_id res chain seq x y z
N ASP A 15 22.56 -26.71 -22.41
CA ASP A 15 23.27 -27.62 -23.29
C ASP A 15 24.76 -27.62 -22.99
N ARG A 16 25.57 -27.56 -24.04
CA ARG A 16 27.01 -27.41 -23.90
C ARG A 16 27.48 -25.99 -24.20
N SER A 17 26.76 -25.25 -25.03
CA SER A 17 27.12 -23.89 -25.39
C SER A 17 26.51 -22.84 -24.47
N ARG A 18 25.66 -23.25 -23.52
CA ARG A 18 25.17 -22.35 -22.49
C ARG A 18 25.88 -22.58 -21.16
N ALA A 19 27.17 -22.90 -21.21
CA ALA A 19 27.95 -23.16 -20.00
C ALA A 19 28.40 -21.88 -19.31
N PHE A 20 28.21 -20.72 -19.91
CA PHE A 20 28.62 -19.47 -19.27
C PHE A 20 27.65 -19.05 -18.17
N ALA A 21 26.54 -19.77 -17.98
CA ALA A 21 25.57 -19.44 -16.96
C ALA A 21 26.00 -19.85 -15.56
N ARG A 22 27.27 -20.19 -15.37
CA ARG A 22 27.78 -20.56 -14.06
C ARG A 22 28.61 -19.46 -13.40
N ASP A 23 29.34 -18.68 -14.19
CA ASP A 23 30.11 -17.54 -13.66
C ASP A 23 29.31 -16.25 -13.70
N VAL A 24 28.03 -16.30 -14.08
CA VAL A 24 27.21 -15.10 -14.12
C VAL A 24 27.07 -14.54 -12.72
N LYS A 25 27.39 -13.26 -12.57
CA LYS A 25 27.29 -12.57 -11.30
C LYS A 25 26.37 -11.36 -11.34
N ARG A 26 26.39 -10.59 -12.42
CA ARG A 26 25.50 -9.46 -12.60
C ARG A 26 24.56 -9.75 -13.76
N ILE A 27 23.28 -9.47 -13.58
CA ILE A 27 22.26 -9.71 -14.57
C ILE A 27 21.49 -8.42 -14.80
N VAL A 28 21.28 -8.05 -16.06
CA VAL A 28 20.47 -6.90 -16.42
C VAL A 28 19.19 -7.42 -17.03
N VAL A 29 18.09 -7.34 -16.27
CA VAL A 29 16.81 -7.89 -16.69
C VAL A 29 15.94 -6.75 -17.19
N LYS A 30 15.47 -6.87 -18.43
CA LYS A 30 14.60 -5.87 -19.03
C LYS A 30 13.21 -6.47 -19.18
N VAL A 31 12.19 -5.76 -18.68
CA VAL A 31 10.81 -6.24 -18.74
C VAL A 31 10.10 -5.50 -19.86
N GLY A 32 9.35 -6.23 -20.67
CA GLY A 32 8.68 -5.63 -21.80
C GLY A 32 7.37 -4.96 -21.41
N THR A 33 6.78 -4.27 -22.38
CA THR A 33 5.45 -3.71 -22.17
C THR A 33 4.39 -4.80 -22.18
N ALA A 34 4.58 -5.83 -23.01
CA ALA A 34 3.64 -6.93 -23.07
C ALA A 34 3.66 -7.79 -21.82
N VAL A 35 4.65 -7.62 -20.96
CA VAL A 35 4.74 -8.36 -19.70
C VAL A 35 4.15 -7.57 -18.54
N VAL A 36 4.25 -6.24 -18.58
CA VAL A 36 3.76 -5.43 -17.48
C VAL A 36 2.26 -5.23 -17.56
N THR A 37 1.76 -4.73 -18.68
CA THR A 37 0.36 -4.33 -18.79
C THR A 37 -0.49 -5.52 -19.23
N GLY A 38 -1.52 -5.81 -18.46
CA GLY A 38 -2.45 -6.89 -18.74
C GLY A 38 -3.62 -6.43 -19.56
N LYS A 39 -4.74 -7.14 -19.41
CA LYS A 39 -5.93 -6.81 -20.16
C LYS A 39 -6.56 -5.52 -19.62
N GLY A 40 -7.08 -4.70 -20.53
CA GLY A 40 -7.70 -3.45 -20.16
C GLY A 40 -6.73 -2.32 -19.87
N GLY A 41 -5.44 -2.53 -20.09
CA GLY A 41 -4.45 -1.51 -19.82
C GLY A 41 -4.01 -1.42 -18.38
N ARG A 42 -4.60 -2.20 -17.49
CA ARG A 42 -4.24 -2.17 -16.09
C ARG A 42 -2.96 -2.97 -15.86
N LEU A 43 -2.51 -3.02 -14.61
CA LEU A 43 -1.32 -3.79 -14.27
C LEU A 43 -1.63 -5.28 -14.35
N ALA A 44 -0.65 -6.05 -14.81
CA ALA A 44 -0.73 -7.51 -14.73
C ALA A 44 -0.11 -7.91 -13.40
N LEU A 45 -0.96 -8.17 -12.41
CA LEU A 45 -0.46 -8.40 -11.06
C LEU A 45 0.19 -9.77 -10.93
N GLY A 46 -0.37 -10.79 -11.58
CA GLY A 46 0.22 -12.12 -11.46
C GLY A 46 1.60 -12.21 -12.06
N ARG A 47 1.76 -11.70 -13.28
CA ARG A 47 3.05 -11.78 -13.97
C ARG A 47 4.11 -10.96 -13.25
N LEU A 48 3.79 -9.72 -12.89
CA LEU A 48 4.75 -8.90 -12.18
C LEU A 48 5.05 -9.43 -10.78
N GLY A 49 4.06 -10.02 -10.12
CA GLY A 49 4.33 -10.62 -8.82
C GLY A 49 5.27 -11.80 -8.92
N ALA A 50 5.07 -12.67 -9.90
CA ALA A 50 5.97 -13.80 -10.08
C ALA A 50 7.37 -13.33 -10.43
N LEU A 51 7.47 -12.31 -11.29
CA LEU A 51 8.78 -11.76 -11.65
C LEU A 51 9.48 -11.16 -10.44
N CYS A 52 8.75 -10.41 -9.62
CA CYS A 52 9.36 -9.81 -8.42
C CYS A 52 9.79 -10.88 -7.43
N GLU A 53 9.00 -11.95 -7.28
CA GLU A 53 9.41 -13.04 -6.41
C GLU A 53 10.69 -13.68 -6.91
N GLN A 54 10.79 -13.93 -8.22
CA GLN A 54 11.99 -14.52 -8.78
C GLN A 54 13.19 -13.61 -8.61
N LEU A 55 13.01 -12.30 -8.81
CA LEU A 55 14.13 -11.37 -8.67
C LEU A 55 14.58 -11.28 -7.23
N ALA A 56 13.65 -11.30 -6.27
CA ALA A 56 14.04 -11.30 -4.86
C ALA A 56 14.78 -12.58 -4.50
N GLU A 57 14.35 -13.72 -5.04
CA GLU A 57 15.09 -14.96 -4.79
C GLU A 57 16.49 -14.90 -5.38
N LEU A 58 16.63 -14.37 -6.59
CA LEU A 58 17.95 -14.24 -7.20
C LEU A 58 18.84 -13.31 -6.38
N ASN A 59 18.30 -12.17 -5.94
CA ASN A 59 19.08 -11.21 -5.19
C ASN A 59 19.50 -11.77 -3.84
N SER A 60 18.63 -12.55 -3.20
CA SER A 60 19.00 -13.22 -1.97
C SER A 60 20.02 -14.33 -2.21
N ASP A 61 20.03 -14.90 -3.42
CA ASP A 61 20.94 -15.99 -3.72
C ASP A 61 22.39 -15.52 -3.74
N GLY A 62 22.64 -14.32 -4.25
CA GLY A 62 23.99 -13.81 -4.35
C GLY A 62 24.26 -13.09 -5.65
N PHE A 63 23.26 -13.04 -6.53
CA PHE A 63 23.39 -12.30 -7.78
C PHE A 63 23.21 -10.82 -7.53
N GLU A 64 23.67 -10.02 -8.49
CA GLU A 64 23.49 -8.58 -8.49
C GLU A 64 22.55 -8.26 -9.65
N VAL A 65 21.27 -8.10 -9.33
CA VAL A 65 20.24 -7.95 -10.35
C VAL A 65 19.99 -6.48 -10.62
N ILE A 66 20.03 -6.09 -11.89
CA ILE A 66 19.64 -4.76 -12.34
C ILE A 66 18.39 -4.90 -13.19
N LEU A 67 17.36 -4.13 -12.86
CA LEU A 67 16.08 -4.23 -13.53
C LEU A 67 15.85 -2.97 -14.35
N VAL A 68 15.63 -3.13 -15.66
CA VAL A 68 15.32 -2.01 -16.52
C VAL A 68 13.84 -2.07 -16.87
N SER A 69 13.01 -1.39 -16.08
CA SER A 69 11.57 -1.49 -16.25
C SER A 69 11.11 -0.82 -17.53
N SER A 70 9.89 -1.16 -17.95
CA SER A 70 9.29 -0.55 -19.11
C SER A 70 7.78 -0.71 -19.03
N GLY A 71 7.07 0.10 -19.82
CA GLY A 71 5.63 -0.05 -19.93
C GLY A 71 4.84 0.87 -19.02
N ALA A 72 5.22 2.14 -18.97
CA ALA A 72 4.47 3.12 -18.20
C ALA A 72 3.48 3.90 -19.05
N VAL A 73 3.66 3.96 -20.37
CA VAL A 73 2.78 4.77 -21.21
C VAL A 73 1.37 4.19 -21.20
N GLY A 74 1.24 2.86 -21.25
CA GLY A 74 -0.09 2.23 -21.27
C GLY A 74 -0.87 2.45 -19.98
N LEU A 75 -0.26 2.10 -18.84
CA LEU A 75 -0.92 2.27 -17.53
C LEU A 75 -1.25 3.75 -17.34
N GLY A 76 -0.31 4.62 -17.70
CA GLY A 76 -0.54 6.06 -17.54
C GLY A 76 -1.77 6.49 -18.33
N ARG A 77 -1.87 6.05 -19.58
CA ARG A 77 -3.04 6.41 -20.43
C ARG A 77 -4.32 5.85 -19.79
N GLN A 78 -4.33 4.60 -19.34
CA GLN A 78 -5.55 4.10 -18.65
C GLN A 78 -5.93 5.04 -17.51
N ARG A 79 -4.99 5.36 -16.62
CA ARG A 79 -5.33 6.21 -15.45
C ARG A 79 -5.86 7.56 -15.93
N LEU A 80 -5.22 8.17 -16.93
CA LEU A 80 -5.64 9.53 -17.36
C LEU A 80 -7.04 9.44 -17.98
N ARG A 81 -7.36 8.37 -18.70
CA ARG A 81 -8.75 8.21 -19.22
C ARG A 81 -9.71 8.10 -18.05
N TYR A 82 -9.38 7.30 -17.05
CA TYR A 82 -10.24 7.23 -15.83
C TYR A 82 -10.46 8.65 -15.29
N ARG A 83 -9.38 9.43 -15.15
CA ARG A 83 -9.52 10.79 -14.55
C ARG A 83 -10.45 11.63 -15.43
N GLN A 84 -10.20 11.65 -16.74
CA GLN A 84 -11.05 12.44 -17.66
C GLN A 84 -12.50 12.05 -17.40
N LEU A 85 -12.84 10.76 -17.47
CA LEU A 85 -14.25 10.31 -17.23
C LEU A 85 -14.72 10.81 -15.85
N VAL A 86 -14.10 10.35 -14.77
CA VAL A 86 -14.56 10.71 -13.40
C VAL A 86 -14.89 12.20 -13.33
N ASN A 87 -14.00 13.07 -13.81
CA ASN A 87 -14.23 14.53 -13.64
C ASN A 87 -14.91 15.08 -14.90
N SER A 88 -15.11 14.24 -15.91
CA SER A 88 -15.85 14.70 -17.11
C SER A 88 -17.34 14.74 -16.79
N SER A 89 -18.14 15.17 -17.74
CA SER A 89 -19.60 15.33 -17.51
C SER A 89 -20.39 14.78 -18.71
N PHE A 90 -21.61 14.28 -18.49
CA PHE A 90 -22.41 13.65 -19.59
C PHE A 90 -22.35 14.50 -20.86
N ALA A 91 -23.00 15.66 -20.86
CA ALA A 91 -23.01 16.55 -22.04
C ALA A 91 -21.68 16.40 -22.80
N ASP A 92 -20.56 16.40 -22.08
CA ASP A 92 -19.22 16.31 -22.72
C ASP A 92 -19.05 14.93 -23.36
N LEU A 93 -19.35 13.86 -22.63
CA LEU A 93 -19.20 12.48 -23.18
C LEU A 93 -19.97 12.41 -24.49
N GLN A 94 -21.03 13.23 -24.64
CA GLN A 94 -21.77 13.26 -25.94
C GLN A 94 -20.92 13.91 -27.05
N LYS A 95 -19.98 14.82 -26.73
CA LYS A 95 -19.06 15.44 -27.73
C LYS A 95 -17.93 14.49 -28.15
N PRO A 96 -17.10 14.78 -29.19
CA PRO A 96 -15.99 13.90 -29.55
C PRO A 96 -14.90 13.82 -28.47
N GLN A 97 -14.08 12.76 -28.50
CA GLN A 97 -12.99 12.58 -27.50
C GLN A 97 -11.70 13.24 -28.01
N THR A 98 -10.67 13.30 -27.16
CA THR A 98 -9.36 13.84 -27.61
C THR A 98 -8.28 12.77 -27.37
N GLU A 99 -7.10 12.95 -27.95
CA GLU A 99 -5.99 11.99 -27.69
C GLU A 99 -5.17 12.51 -26.51
N LEU A 100 -4.97 11.67 -25.49
CA LEU A 100 -4.25 12.13 -24.27
C LEU A 100 -2.77 12.29 -24.61
N ASP A 101 -2.16 13.41 -24.19
CA ASP A 101 -0.75 13.67 -24.45
C ASP A 101 0.10 12.44 -24.11
N GLY A 102 1.18 12.27 -24.87
CA GLY A 102 2.11 11.18 -24.60
C GLY A 102 2.92 11.39 -23.34
N LYS A 103 3.45 12.59 -23.15
CA LYS A 103 4.30 12.88 -22.00
C LYS A 103 3.50 12.85 -20.70
N ALA A 104 2.27 13.37 -20.72
CA ALA A 104 1.43 13.29 -19.54
C ALA A 104 1.15 11.85 -19.16
N CYS A 105 0.84 11.01 -20.15
CA CYS A 105 0.58 9.60 -19.89
C CYS A 105 1.82 8.94 -19.30
N ALA A 106 3.00 9.21 -19.89
CA ALA A 106 4.21 8.58 -19.38
C ALA A 106 4.50 9.01 -17.95
N GLY A 107 4.34 10.31 -17.65
CA GLY A 107 4.60 10.79 -16.31
C GLY A 107 3.65 10.18 -15.29
N VAL A 108 2.36 10.08 -15.64
CA VAL A 108 1.42 9.48 -14.68
C VAL A 108 1.70 8.00 -14.50
N GLY A 109 1.98 7.29 -15.59
CA GLY A 109 2.19 5.85 -15.49
C GLY A 109 3.45 5.46 -14.73
N GLN A 110 4.53 6.23 -14.91
CA GLN A 110 5.79 5.89 -14.28
C GLN A 110 5.66 5.87 -12.76
N SER A 111 5.00 6.88 -12.20
CA SER A 111 4.88 6.98 -10.77
C SER A 111 4.09 5.80 -10.20
N SER A 112 2.99 5.44 -10.84
CA SER A 112 2.19 4.32 -10.36
C SER A 112 2.94 3.01 -10.47
N LEU A 113 3.61 2.79 -11.61
CA LEU A 113 4.34 1.55 -11.79
C LEU A 113 5.43 1.40 -10.74
N MET A 114 6.20 2.45 -10.49
CA MET A 114 7.29 2.33 -9.54
C MET A 114 6.81 2.33 -8.09
N ALA A 115 5.67 2.96 -7.80
CA ALA A 115 5.08 2.80 -6.48
C ALA A 115 4.65 1.36 -6.24
N TYR A 116 4.08 0.72 -7.25
CA TYR A 116 3.69 -0.68 -7.12
C TYR A 116 4.92 -1.56 -6.96
N TYR A 117 5.99 -1.27 -7.71
CA TYR A 117 7.23 -2.02 -7.56
C TYR A 117 7.75 -1.91 -6.14
N GLU A 118 7.74 -0.70 -5.58
CA GLU A 118 8.19 -0.51 -4.21
C GLU A 118 7.31 -1.29 -3.24
N THR A 119 6.00 -1.30 -3.47
CA THR A 119 5.11 -2.03 -2.58
C THR A 119 5.46 -3.51 -2.54
N MET A 120 5.57 -4.15 -3.71
CA MET A 120 5.89 -5.58 -3.69
C MET A 120 7.30 -5.86 -3.22
N PHE A 121 8.26 -5.01 -3.55
CA PHE A 121 9.62 -5.28 -3.09
C PHE A 121 9.73 -5.11 -1.57
N ASP A 122 9.00 -4.16 -0.99
CA ASP A 122 8.95 -4.05 0.46
C ASP A 122 8.29 -5.28 1.06
N GLN A 123 7.18 -5.73 0.47
CA GLN A 123 6.53 -6.94 0.96
C GLN A 123 7.42 -8.17 0.83
N LEU A 124 8.42 -8.11 -0.05
CA LEU A 124 9.36 -9.21 -0.26
C LEU A 124 10.64 -9.04 0.55
N ASP A 125 10.73 -7.99 1.37
CA ASP A 125 11.92 -7.70 2.17
C ASP A 125 13.15 -7.49 1.29
N VAL A 126 13.00 -6.64 0.27
CA VAL A 126 14.10 -6.21 -0.59
C VAL A 126 13.93 -4.73 -0.86
N THR A 127 15.02 -3.98 -0.73
CA THR A 127 15.00 -2.55 -1.00
C THR A 127 15.24 -2.31 -2.49
N ALA A 128 14.35 -1.55 -3.13
CA ALA A 128 14.46 -1.25 -4.54
C ALA A 128 14.70 0.24 -4.72
N ALA A 129 15.52 0.59 -5.68
CA ALA A 129 15.91 1.98 -5.91
C ALA A 129 15.57 2.38 -7.34
N GLN A 130 15.19 3.65 -7.49
CA GLN A 130 14.73 4.17 -8.80
C GLN A 130 15.73 5.18 -9.37
N LEU A 131 16.33 4.86 -10.52
CA LEU A 131 17.22 5.75 -11.24
C LEU A 131 16.62 6.02 -12.61
N LEU A 132 16.68 7.28 -13.04
CA LEU A 132 16.16 7.67 -14.34
C LEU A 132 17.27 8.35 -15.13
N VAL A 133 17.51 7.87 -16.35
CA VAL A 133 18.60 8.36 -17.18
C VAL A 133 18.06 8.70 -18.55
N ASN A 134 18.39 9.89 -19.04
CA ASN A 134 17.96 10.36 -20.35
C ASN A 134 19.08 10.20 -21.37
N ASP A 135 18.75 10.49 -22.64
CA ASP A 135 19.73 10.34 -23.71
C ASP A 135 20.80 11.43 -23.63
N SER A 136 20.40 12.66 -23.32
CA SER A 136 21.38 13.75 -23.25
C SER A 136 22.38 13.55 -22.13
N SER A 137 22.02 12.78 -21.10
CA SER A 137 22.93 12.56 -19.99
C SER A 137 24.08 11.63 -20.37
N PHE A 138 23.82 10.68 -21.28
CA PHE A 138 24.84 9.70 -21.65
C PHE A 138 25.97 10.29 -22.49
N ARG A 139 25.83 11.53 -22.96
CA ARG A 139 26.85 12.15 -23.79
C ARG A 139 28.11 12.53 -23.01
N ASP A 140 28.07 12.46 -21.68
CA ASP A 140 29.20 12.82 -20.84
C ASP A 140 29.86 11.57 -20.29
N LYS A 141 31.16 11.43 -20.52
CA LYS A 141 31.90 10.30 -19.95
C LYS A 141 31.94 10.39 -18.42
N ASP A 142 32.07 11.61 -17.89
CA ASP A 142 32.02 11.78 -16.44
C ASP A 142 30.69 11.34 -15.87
N PHE A 143 29.60 11.55 -16.62
CA PHE A 143 28.31 11.01 -16.20
C PHE A 143 28.34 9.50 -16.15
N ARG A 144 28.99 8.86 -17.13
CA ARG A 144 29.09 7.42 -17.12
C ARG A 144 29.85 6.94 -15.88
N LYS A 145 30.94 7.62 -15.54
CA LYS A 145 31.69 7.24 -14.34
C LYS A 145 30.84 7.42 -13.08
N GLN A 146 30.13 8.54 -13.01
CA GLN A 146 29.25 8.79 -11.83
C GLN A 146 28.24 7.65 -11.72
N LEU A 147 27.53 7.36 -12.82
CA LEU A 147 26.50 6.33 -12.77
C LEU A 147 27.09 4.99 -12.37
N ASN A 148 28.28 4.67 -12.89
CA ASN A 148 28.91 3.41 -12.52
C ASN A 148 29.20 3.37 -11.02
N GLU A 149 29.70 4.47 -10.46
CA GLU A 149 29.98 4.52 -9.03
C GLU A 149 28.71 4.39 -8.21
N THR A 150 27.65 5.08 -8.61
CA THR A 150 26.38 4.99 -7.88
C THR A 150 25.84 3.57 -7.91
N VAL A 151 25.86 2.94 -9.09
CA VAL A 151 25.35 1.58 -9.20
C VAL A 151 26.19 0.61 -8.38
N LYS A 152 27.52 0.79 -8.38
CA LYS A 152 28.36 -0.09 -7.57
C LYS A 152 28.03 0.06 -6.09
N SER A 153 27.88 1.30 -5.62
CA SER A 153 27.56 1.52 -4.22
C SER A 153 26.19 0.96 -3.86
N MET A 154 25.23 1.03 -4.78
CA MET A 154 23.90 0.50 -4.49
C MET A 154 23.87 -1.01 -4.53
N LEU A 155 24.67 -1.63 -5.39
CA LEU A 155 24.71 -3.09 -5.45
C LEU A 155 25.49 -3.68 -4.28
N ASP A 156 26.45 -2.95 -3.73
CA ASP A 156 27.19 -3.47 -2.58
C ASP A 156 26.33 -3.60 -1.33
N LEU A 157 25.14 -2.98 -1.31
CA LEU A 157 24.22 -3.07 -0.18
C LEU A 157 23.00 -3.91 -0.51
N ARG A 158 23.05 -4.68 -1.59
CA ARG A 158 21.96 -5.57 -2.01
C ARG A 158 20.68 -4.78 -2.26
N VAL A 159 20.77 -3.85 -3.20
CA VAL A 159 19.65 -3.03 -3.66
C VAL A 159 19.46 -3.29 -5.15
N ILE A 160 18.21 -3.30 -5.60
CA ILE A 160 17.89 -3.57 -7.00
C ILE A 160 17.63 -2.25 -7.70
N PRO A 161 18.59 -1.69 -8.43
CA PRO A 161 18.36 -0.43 -9.13
C PRO A 161 17.38 -0.61 -10.28
N ILE A 162 16.28 0.11 -10.25
CA ILE A 162 15.22 0.00 -11.25
C ILE A 162 15.38 1.19 -12.20
N PHE A 163 16.09 0.98 -13.29
CA PHE A 163 16.27 2.03 -14.27
C PHE A 163 15.01 2.22 -15.09
N ASN A 164 15.03 3.25 -15.92
CA ASN A 164 13.99 3.49 -16.93
C ASN A 164 14.48 4.63 -17.81
N GLU A 165 13.62 5.07 -18.71
CA GLU A 165 13.89 6.22 -19.56
C GLU A 165 12.96 7.36 -19.17
N ASN A 166 13.52 8.55 -18.98
CA ASN A 166 12.74 9.72 -18.56
C ASN A 166 11.92 10.21 -19.74
N ASP A 167 10.83 9.49 -20.02
CA ASP A 167 9.93 9.87 -21.10
C ASP A 167 9.07 11.08 -20.74
N ALA A 168 8.92 11.39 -19.46
CA ALA A 168 8.09 12.48 -19.00
C ALA A 168 8.78 13.83 -19.07
N ILE A 169 10.06 13.83 -19.47
CA ILE A 169 10.84 15.10 -19.56
C ILE A 169 11.61 15.09 -20.90
N SER A 170 11.63 13.94 -21.58
CA SER A 170 12.42 13.82 -22.84
C SER A 170 11.96 14.89 -23.84
N THR A 171 12.91 15.63 -24.41
CA THR A 171 12.58 16.65 -25.43
C THR A 171 12.09 15.94 -26.70
N ARG A 172 12.69 14.79 -27.02
CA ARG A 172 12.28 14.01 -28.23
C ARG A 172 10.79 14.24 -28.49
N SER A 179 16.34 8.55 -32.01
CA SER A 179 16.98 7.45 -32.72
C SER A 179 18.44 7.76 -33.02
N SER A 180 18.74 9.04 -33.22
CA SER A 180 20.10 9.47 -33.53
C SER A 180 21.02 9.40 -32.33
N GLY A 181 20.49 9.25 -31.12
CA GLY A 181 21.30 9.19 -29.92
C GLY A 181 21.89 7.82 -29.69
N ILE A 182 22.53 7.66 -28.53
CA ILE A 182 23.12 6.38 -28.17
C ILE A 182 22.05 5.31 -28.03
N PHE A 183 20.96 5.64 -27.35
CA PHE A 183 19.84 4.73 -27.16
C PHE A 183 18.54 5.46 -27.45
N TRP A 184 17.56 4.73 -27.98
CA TRP A 184 16.27 5.30 -28.32
C TRP A 184 15.09 4.57 -27.69
N ASP A 185 15.27 3.31 -27.28
CA ASP A 185 14.22 2.56 -26.62
C ASP A 185 14.84 1.69 -25.53
N ASN A 186 13.98 1.18 -24.65
CA ASN A 186 14.48 0.36 -23.55
C ASN A 186 15.12 -0.93 -24.04
N ASP A 187 14.71 -1.42 -25.23
CA ASP A 187 15.38 -2.56 -25.83
C ASP A 187 16.86 -2.26 -26.05
N SER A 188 17.19 -1.01 -26.36
CA SER A 188 18.57 -0.59 -26.52
C SER A 188 19.15 0.03 -25.26
N LEU A 189 18.30 0.60 -24.40
CA LEU A 189 18.80 1.10 -23.11
C LEU A 189 19.35 -0.04 -22.27
N ALA A 190 18.69 -1.20 -22.30
CA ALA A 190 19.21 -2.35 -21.57
C ALA A 190 20.58 -2.75 -22.09
N ALA A 191 20.77 -2.77 -23.41
CA ALA A 191 22.06 -3.12 -23.96
C ALA A 191 23.12 -2.09 -23.58
N LEU A 192 22.78 -0.81 -23.63
CA LEU A 192 23.73 0.22 -23.27
C LEU A 192 24.14 0.10 -21.80
N LEU A 193 23.17 -0.13 -20.92
CA LEU A 193 23.49 -0.30 -19.51
C LEU A 193 24.35 -1.54 -19.28
N ALA A 194 23.99 -2.66 -19.92
CA ALA A 194 24.76 -3.89 -19.73
C ALA A 194 26.19 -3.71 -20.21
N LEU A 195 26.39 -3.02 -21.33
CA LEU A 195 27.76 -2.76 -21.77
C LEU A 195 28.49 -1.84 -20.81
N GLU A 196 27.80 -0.80 -20.32
CA GLU A 196 28.48 0.17 -19.46
C GLU A 196 28.73 -0.38 -18.07
N LEU A 197 27.76 -1.10 -17.50
CA LEU A 197 27.89 -1.62 -16.15
C LEU A 197 28.68 -2.92 -16.09
N LYS A 198 29.21 -3.39 -17.22
CA LYS A 198 29.98 -4.63 -17.28
C LYS A 198 29.18 -5.81 -16.74
N ALA A 199 27.92 -5.90 -17.15
CA ALA A 199 27.10 -7.04 -16.76
C ALA A 199 27.64 -8.31 -17.41
N ASP A 200 27.04 -9.44 -17.05
CA ASP A 200 27.47 -10.73 -17.55
C ASP A 200 26.44 -11.46 -18.39
N LEU A 201 25.16 -11.10 -18.28
CA LEU A 201 24.12 -11.71 -19.10
C LEU A 201 22.92 -10.78 -19.11
N LEU A 202 22.31 -10.62 -20.27
CA LEU A 202 21.21 -9.69 -20.48
C LEU A 202 19.98 -10.49 -20.91
N ILE A 203 18.90 -10.37 -20.15
CA ILE A 203 17.68 -11.12 -20.40
C ILE A 203 16.62 -10.14 -20.87
N LEU A 204 16.10 -10.35 -22.07
CA LEU A 204 15.07 -9.48 -22.63
C LEU A 204 13.73 -10.18 -22.45
N LEU A 205 13.01 -9.82 -21.40
CA LEU A 205 11.73 -10.44 -21.11
C LEU A 205 10.68 -9.93 -22.09
N SER A 206 10.19 -10.80 -22.95
CA SER A 206 9.13 -10.49 -23.90
C SER A 206 7.96 -11.45 -23.68
N ASP A 207 6.97 -11.37 -24.55
CA ASP A 207 5.79 -12.23 -24.47
C ASP A 207 5.88 -13.45 -25.38
N VAL A 208 7.01 -13.63 -26.07
CA VAL A 208 7.19 -14.75 -26.98
C VAL A 208 8.34 -15.60 -26.46
N GLU A 209 8.31 -16.90 -26.80
CA GLU A 209 9.32 -17.83 -26.30
C GLU A 209 10.71 -17.52 -26.82
N GLY A 210 10.84 -16.67 -27.84
CA GLY A 210 12.14 -16.30 -28.33
C GLY A 210 12.14 -15.73 -29.74
N LEU A 211 13.04 -16.25 -30.57
CA LEU A 211 13.16 -15.85 -31.96
C LEU A 211 12.83 -17.05 -32.84
N TYR A 212 11.90 -16.89 -33.76
CA TYR A 212 11.45 -17.96 -34.62
C TYR A 212 11.97 -17.76 -36.04
N THR A 213 11.92 -18.85 -36.82
CA THR A 213 12.34 -18.80 -38.22
C THR A 213 11.41 -17.95 -39.07
N GLY A 214 10.23 -17.59 -38.56
CA GLY A 214 9.32 -16.72 -39.25
C GLY A 214 8.37 -16.07 -38.27
N PRO A 215 7.20 -15.66 -38.74
CA PRO A 215 6.16 -15.17 -37.83
C PRO A 215 5.75 -16.24 -36.84
N PRO A 216 5.47 -15.85 -35.59
CA PRO A 216 5.07 -16.85 -34.59
C PRO A 216 3.80 -17.61 -34.96
N SER A 217 2.86 -16.97 -35.66
CA SER A 217 1.62 -17.63 -36.03
C SER A 217 1.82 -18.67 -37.14
N ASP A 218 2.95 -18.65 -37.82
CA ASP A 218 3.20 -19.61 -38.88
C ASP A 218 3.49 -20.98 -38.28
N PRO A 219 2.71 -22.02 -38.61
CA PRO A 219 3.02 -23.35 -38.08
C PRO A 219 4.38 -23.87 -38.48
N ASN A 220 4.86 -23.52 -39.68
CA ASN A 220 6.17 -23.99 -40.15
C ASN A 220 7.33 -23.34 -39.40
N SER A 221 7.08 -22.29 -38.64
CA SER A 221 8.14 -21.62 -37.90
C SER A 221 8.68 -22.54 -36.80
N LYS A 222 9.99 -22.41 -36.55
CA LYS A 222 10.66 -23.20 -35.52
C LYS A 222 11.50 -22.29 -34.63
N LEU A 223 11.64 -22.70 -33.37
CA LEU A 223 12.41 -21.92 -32.42
C LEU A 223 13.90 -21.97 -32.76
N ILE A 224 14.61 -20.89 -32.44
CA ILE A 224 16.03 -20.76 -32.73
C ILE A 224 16.81 -21.12 -31.47
N HIS A 225 17.60 -22.19 -31.54
CA HIS A 225 18.41 -22.57 -30.39
C HIS A 225 19.47 -21.52 -30.07
N THR A 226 20.15 -21.01 -31.09
CA THR A 226 21.10 -19.92 -30.92
C THR A 226 21.19 -19.14 -32.21
N PHE A 227 21.43 -17.83 -32.09
CA PHE A 227 21.46 -16.97 -33.27
C PHE A 227 22.85 -16.99 -33.88
N VAL A 228 22.92 -17.25 -35.19
CA VAL A 228 24.18 -17.34 -35.92
C VAL A 228 24.25 -16.16 -36.88
N LYS A 229 25.32 -15.38 -36.81
CA LYS A 229 25.42 -14.17 -37.68
C LYS A 229 25.87 -14.54 -39.10
N GLU A 230 26.02 -15.84 -39.38
CA GLU A 230 26.47 -16.29 -40.72
C GLU A 230 25.35 -17.09 -41.38
N LYS A 231 24.38 -17.55 -40.60
CA LYS A 231 23.28 -18.39 -41.14
C LYS A 231 21.93 -17.71 -40.87
N HIS A 232 21.54 -17.59 -39.60
CA HIS A 232 20.24 -16.96 -39.24
C HIS A 232 20.34 -15.45 -39.43
N GLN A 233 21.48 -14.99 -39.97
CA GLN A 233 21.70 -13.53 -40.17
C GLN A 233 20.49 -12.89 -40.86
N ASP A 234 20.07 -13.44 -42.00
CA ASP A 234 18.97 -12.79 -42.78
C ASP A 234 17.79 -13.76 -42.96
N GLU A 235 17.96 -15.01 -42.54
CA GLU A 235 16.89 -16.02 -42.74
C GLU A 235 15.60 -15.54 -42.07
N ILE A 236 15.71 -15.04 -40.83
CA ILE A 236 14.50 -14.61 -40.07
C ILE A 236 13.94 -13.32 -40.69
N THR A 237 12.61 -13.22 -40.79
CA THR A 237 11.97 -12.01 -41.36
C THR A 237 11.03 -11.40 -40.32
N PHE A 238 10.95 -10.06 -40.25
CA PHE A 238 10.07 -9.38 -39.27
C PHE A 238 9.04 -8.52 -40.00
N GLY A 248 9.41 -2.99 -32.66
CA GLY A 248 8.98 -4.38 -32.67
C GLY A 248 10.07 -5.33 -32.27
N MET A 249 10.00 -6.56 -32.79
CA MET A 249 11.03 -7.55 -32.48
C MET A 249 12.30 -7.29 -33.27
N THR A 250 12.22 -6.56 -34.38
CA THR A 250 13.43 -6.23 -35.13
C THR A 250 14.34 -5.33 -34.31
N ALA A 251 13.78 -4.40 -33.54
CA ALA A 251 14.60 -3.57 -32.66
C ALA A 251 15.24 -4.42 -31.57
N LYS A 252 14.49 -5.39 -31.03
CA LYS A 252 15.06 -6.30 -30.04
C LYS A 252 16.23 -7.07 -30.62
N VAL A 253 16.08 -7.59 -31.84
CA VAL A 253 17.15 -8.37 -32.45
C VAL A 253 18.36 -7.48 -32.75
N LYS A 254 18.12 -6.25 -33.20
CA LYS A 254 19.23 -5.35 -33.48
C LYS A 254 20.00 -5.01 -32.21
N ALA A 255 19.28 -4.71 -31.12
CA ALA A 255 19.93 -4.42 -29.86
C ALA A 255 20.67 -5.64 -29.33
N ALA A 256 20.08 -6.83 -29.49
CA ALA A 256 20.75 -8.05 -29.06
C ALA A 256 22.04 -8.28 -29.84
N VAL A 257 22.01 -8.06 -31.16
CA VAL A 257 23.22 -8.25 -31.95
C VAL A 257 24.28 -7.24 -31.55
N ASN A 258 23.89 -5.98 -31.34
CA ASN A 258 24.85 -4.97 -30.92
C ASN A 258 25.47 -5.31 -29.56
N ALA A 259 24.66 -5.79 -28.62
CA ALA A 259 25.19 -6.13 -27.31
C ALA A 259 26.08 -7.36 -27.36
N ALA A 260 25.65 -8.41 -28.06
CA ALA A 260 26.44 -9.64 -28.14
C ALA A 260 27.70 -9.48 -28.96
N TYR A 261 27.76 -8.47 -29.83
CA TYR A 261 29.00 -8.20 -30.55
C TYR A 261 30.11 -7.77 -29.61
N ALA A 262 29.77 -7.00 -28.58
CA ALA A 262 30.76 -6.46 -27.67
C ALA A 262 31.18 -7.45 -26.59
N GLY A 263 30.59 -8.64 -26.56
CA GLY A 263 30.97 -9.65 -25.60
C GLY A 263 30.06 -9.79 -24.40
N ILE A 264 28.81 -9.37 -24.50
CA ILE A 264 27.82 -9.56 -23.46
C ILE A 264 26.80 -10.57 -23.97
N PRO A 265 26.75 -11.78 -23.43
CA PRO A 265 25.75 -12.75 -23.90
C PRO A 265 24.35 -12.28 -23.61
N VAL A 266 23.45 -12.52 -24.57
CA VAL A 266 22.09 -12.00 -24.53
C VAL A 266 21.12 -13.15 -24.69
N ILE A 267 20.10 -13.19 -23.84
CA ILE A 267 19.08 -14.24 -23.86
C ILE A 267 17.73 -13.58 -24.03
N ILE A 268 16.98 -13.99 -25.05
CA ILE A 268 15.63 -13.52 -25.27
C ILE A 268 14.68 -14.61 -24.80
N THR A 269 13.91 -14.32 -23.76
CA THR A 269 13.08 -15.35 -23.15
C THR A 269 11.71 -14.76 -22.83
N SER A 270 10.74 -15.66 -22.66
CA SER A 270 9.36 -15.26 -22.43
C SER A 270 9.11 -15.04 -20.94
N GLY A 271 8.57 -13.88 -20.60
CA GLY A 271 8.27 -13.55 -19.23
C GLY A 271 6.94 -14.03 -18.71
N TYR A 272 6.19 -14.77 -19.54
CA TYR A 272 4.90 -15.31 -19.11
C TYR A 272 5.05 -16.42 -18.10
N SER A 273 6.24 -17.00 -17.96
CA SER A 273 6.49 -18.07 -17.02
C SER A 273 7.34 -17.56 -15.85
N ALA A 274 7.15 -18.17 -14.68
CA ALA A 274 7.77 -17.71 -13.46
C ALA A 274 9.13 -18.35 -13.19
N GLU A 275 9.54 -19.34 -13.98
CA GLU A 275 10.79 -20.04 -13.74
C GLU A 275 11.76 -19.94 -14.92
N ASN A 276 11.46 -19.09 -15.90
CA ASN A 276 12.35 -18.96 -17.05
C ASN A 276 13.70 -18.39 -16.66
N ILE A 277 13.71 -17.41 -15.75
CA ILE A 277 14.98 -16.83 -15.31
C ILE A 277 15.86 -17.87 -14.64
N ASP A 278 15.27 -18.70 -13.77
CA ASP A 278 16.06 -19.75 -13.13
C ASP A 278 16.56 -20.74 -14.16
N LYS A 279 15.73 -21.06 -15.16
CA LYS A 279 16.14 -22.03 -16.17
C LYS A 279 17.32 -21.53 -16.99
N VAL A 280 17.30 -20.27 -17.40
CA VAL A 280 18.42 -19.75 -18.18
C VAL A 280 19.66 -19.60 -17.29
N LEU A 281 19.47 -19.18 -16.04
CA LEU A 281 20.61 -19.02 -15.14
C LEU A 281 21.21 -20.34 -14.70
N ARG A 282 20.48 -21.45 -14.85
CA ARG A 282 21.02 -22.76 -14.52
C ARG A 282 21.69 -23.45 -15.70
N GLY A 283 21.58 -22.89 -16.90
CA GLY A 283 22.19 -23.47 -18.07
C GLY A 283 21.27 -24.32 -18.93
N LEU A 284 19.97 -24.30 -18.67
CA LEU A 284 19.05 -25.09 -19.47
C LEU A 284 18.84 -24.48 -20.84
N ARG A 285 18.26 -25.27 -21.75
CA ARG A 285 17.98 -24.82 -23.10
C ARG A 285 16.64 -24.09 -23.09
N VAL A 286 16.70 -22.78 -22.89
CA VAL A 286 15.50 -21.95 -22.88
C VAL A 286 15.80 -20.63 -23.57
N GLY A 287 14.82 -20.09 -24.27
CA GLY A 287 14.97 -18.82 -24.94
C GLY A 287 15.86 -18.92 -26.17
N THR A 288 16.23 -17.75 -26.68
CA THR A 288 17.15 -17.62 -27.80
C THR A 288 18.43 -16.98 -27.33
N LEU A 289 19.56 -17.56 -27.71
CA LEU A 289 20.87 -17.12 -27.23
C LEU A 289 21.56 -16.28 -28.29
N PHE A 290 22.19 -15.20 -27.85
CA PHE A 290 22.97 -14.30 -28.70
C PHE A 290 24.38 -14.24 -28.12
N HIS A 291 25.30 -15.03 -28.67
CA HIS A 291 26.66 -15.07 -28.16
C HIS A 291 27.65 -14.96 -29.31
N GLN A 292 28.71 -14.18 -29.10
CA GLN A 292 29.74 -14.02 -30.12
C GLN A 292 30.63 -15.24 -30.20
N ASP A 293 30.95 -15.86 -29.06
CA ASP A 293 31.81 -17.03 -29.07
C ASP A 293 31.07 -18.28 -29.53
N ALA A 294 29.79 -18.40 -29.15
CA ALA A 294 29.02 -19.57 -29.54
C ALA A 294 28.81 -19.63 -31.04
N ARG A 295 28.49 -18.49 -31.65
CA ARG A 295 28.27 -18.47 -33.10
C ARG A 295 29.56 -18.77 -33.84
N LEU A 296 29.46 -19.59 -34.88
CA LEU A 296 30.63 -20.00 -35.64
C LEU A 296 30.42 -19.82 -37.14
N TYR B 82 -33.79 15.52 -14.69
CA TYR B 82 -33.02 15.11 -15.89
C TYR B 82 -31.85 16.08 -16.08
N ARG B 83 -32.14 17.35 -16.29
CA ARG B 83 -31.05 18.33 -16.60
C ARG B 83 -29.97 18.23 -15.52
N GLN B 84 -30.34 18.14 -14.25
CA GLN B 84 -29.32 18.13 -13.18
C GLN B 84 -28.35 16.97 -13.44
N LEU B 85 -28.87 15.84 -13.94
CA LEU B 85 -28.01 14.68 -14.22
C LEU B 85 -27.29 14.90 -15.56
N VAL B 86 -28.01 15.35 -16.60
CA VAL B 86 -27.39 15.49 -17.95
C VAL B 86 -26.21 16.46 -17.85
N ASN B 87 -26.42 17.62 -17.25
CA ASN B 87 -25.34 18.64 -17.13
C ASN B 87 -24.58 18.42 -15.83
N SER B 88 -24.40 17.15 -15.44
CA SER B 88 -23.59 16.88 -14.23
C SER B 88 -22.38 16.02 -14.59
N SER B 89 -21.45 15.88 -13.65
CA SER B 89 -20.20 15.08 -13.86
C SER B 89 -20.20 13.88 -12.91
N PHE B 90 -19.31 12.91 -13.09
CA PHE B 90 -19.39 11.70 -12.21
C PHE B 90 -19.04 12.08 -10.77
N ALA B 91 -18.02 12.93 -10.58
CA ALA B 91 -17.56 13.29 -9.22
C ALA B 91 -18.61 14.13 -8.48
N ASP B 92 -19.40 14.94 -9.19
CA ASP B 92 -20.48 15.72 -8.52
C ASP B 92 -21.44 14.73 -7.86
N LEU B 93 -21.86 13.71 -8.60
CA LEU B 93 -22.77 12.68 -8.06
C LEU B 93 -22.10 12.00 -6.85
N GLN B 94 -20.80 11.76 -6.88
CA GLN B 94 -20.15 11.00 -5.77
C GLN B 94 -20.44 11.70 -4.45
N LYS B 95 -21.15 12.84 -4.48
CA LYS B 95 -21.44 13.61 -3.24
C LYS B 95 -22.95 13.55 -2.95
N PRO B 96 -23.41 13.77 -1.69
CA PRO B 96 -24.85 13.79 -1.40
C PRO B 96 -25.58 14.81 -2.28
N ASP C 15 -1.50 18.05 37.37
CA ASP C 15 -1.66 18.74 38.65
C ASP C 15 -1.11 17.90 39.79
N ARG C 16 -1.88 17.81 40.87
CA ARG C 16 -1.55 16.94 41.99
C ARG C 16 -2.41 15.68 42.01
N SER C 17 -3.62 15.73 41.47
CA SER C 17 -4.52 14.59 41.44
C SER C 17 -4.38 13.74 40.19
N ARG C 18 -3.54 14.15 39.24
CA ARG C 18 -3.20 13.31 38.09
C ARG C 18 -1.83 12.69 38.25
N ALA C 19 -1.45 12.32 39.48
CA ALA C 19 -0.15 11.73 39.74
C ALA C 19 -0.10 10.24 39.41
N PHE C 20 -1.22 9.61 39.09
CA PHE C 20 -1.21 8.20 38.74
C PHE C 20 -0.68 7.95 37.34
N ALA C 21 -0.37 9.01 36.57
CA ALA C 21 0.14 8.87 35.22
C ALA C 21 1.61 8.50 35.17
N ARG C 22 2.19 8.07 36.30
CA ARG C 22 3.59 7.66 36.34
C ARG C 22 3.76 6.15 36.40
N ASP C 23 2.86 5.43 37.06
CA ASP C 23 2.90 3.97 37.10
C ASP C 23 2.07 3.34 35.99
N VAL C 24 1.52 4.14 35.08
CA VAL C 24 0.73 3.60 33.98
C VAL C 24 1.62 2.73 33.10
N LYS C 25 1.18 1.51 32.87
CA LYS C 25 1.91 0.56 32.04
C LYS C 25 1.10 0.06 30.85
N ARG C 26 -0.19 -0.19 31.03
CA ARG C 26 -1.08 -0.59 29.95
C ARG C 26 -2.10 0.51 29.72
N ILE C 27 -2.33 0.86 28.46
CA ILE C 27 -3.26 1.90 28.07
C ILE C 27 -4.24 1.33 27.06
N VAL C 28 -5.53 1.57 27.25
CA VAL C 28 -6.56 1.18 26.30
C VAL C 28 -7.06 2.44 25.63
N VAL C 29 -6.68 2.65 24.38
CA VAL C 29 -7.01 3.86 23.65
C VAL C 29 -8.17 3.55 22.71
N LYS C 30 -9.25 4.31 22.84
CA LYS C 30 -10.42 4.15 21.99
C LYS C 30 -10.54 5.36 21.09
N VAL C 31 -10.65 5.13 19.77
CA VAL C 31 -10.73 6.21 18.80
C VAL C 31 -12.19 6.36 18.38
N GLY C 32 -12.66 7.59 18.32
CA GLY C 32 -14.04 7.83 17.98
C GLY C 32 -14.30 7.81 16.49
N THR C 33 -15.58 7.89 16.13
CA THR C 33 -15.93 8.02 14.72
C THR C 33 -15.62 9.41 14.21
N ALA C 34 -15.78 10.43 15.06
CA ALA C 34 -15.47 11.79 14.66
C ALA C 34 -13.98 12.04 14.49
N VAL C 35 -13.14 11.11 14.93
CA VAL C 35 -11.69 11.22 14.76
C VAL C 35 -11.21 10.47 13.52
N VAL C 36 -11.87 9.37 13.16
CA VAL C 36 -11.43 8.58 12.03
C VAL C 36 -11.89 9.19 10.71
N THR C 37 -13.19 9.42 10.56
CA THR C 37 -13.75 9.84 9.28
C THR C 37 -13.71 11.35 9.15
N GLY C 38 -13.11 11.83 8.07
CA GLY C 38 -13.00 13.24 7.77
C GLY C 38 -14.15 13.74 6.94
N LYS C 39 -13.89 14.80 6.18
CA LYS C 39 -14.92 15.37 5.34
C LYS C 39 -15.22 14.48 4.15
N GLY C 40 -16.49 14.40 3.78
CA GLY C 40 -16.91 13.57 2.67
C GLY C 40 -17.04 12.09 2.98
N GLY C 41 -16.87 11.70 4.24
CA GLY C 41 -16.95 10.31 4.62
C GLY C 41 -15.69 9.52 4.39
N ARG C 42 -14.66 10.12 3.81
CA ARG C 42 -13.41 9.43 3.55
C ARG C 42 -12.57 9.37 4.82
N LEU C 43 -11.41 8.74 4.73
CA LEU C 43 -10.51 8.65 5.87
C LEU C 43 -9.91 10.02 6.16
N ALA C 44 -9.72 10.32 7.44
CA ALA C 44 -8.95 11.49 7.86
C ALA C 44 -7.51 11.05 7.99
N LEU C 45 -6.71 11.32 6.96
CA LEU C 45 -5.35 10.79 6.93
C LEU C 45 -4.44 11.52 7.91
N GLY C 46 -4.60 12.83 8.05
CA GLY C 46 -3.73 13.57 8.96
C GLY C 46 -3.92 13.16 10.41
N ARG C 47 -5.18 13.10 10.85
CA ARG C 47 -5.47 12.78 12.24
C ARG C 47 -5.05 11.35 12.57
N LEU C 48 -5.43 10.39 11.73
CA LEU C 48 -5.04 9.02 11.97
C LEU C 48 -3.54 8.81 11.86
N GLY C 49 -2.87 9.53 10.96
CA GLY C 49 -1.43 9.42 10.89
C GLY C 49 -0.75 9.93 12.13
N ALA C 50 -1.19 11.08 12.66
CA ALA C 50 -0.61 11.59 13.89
C ALA C 50 -0.87 10.65 15.05
N LEU C 51 -2.08 10.09 15.12
CA LEU C 51 -2.40 9.14 16.18
C LEU C 51 -1.53 7.89 16.09
N CYS C 52 -1.34 7.37 14.88
CA CYS C 52 -0.50 6.17 14.71
C CYS C 52 0.95 6.46 15.06
N GLU C 53 1.45 7.65 14.70
CA GLU C 53 2.80 8.02 15.08
C GLU C 53 2.94 8.08 16.60
N GLN C 54 1.97 8.69 17.28
CA GLN C 54 2.02 8.76 18.73
C GLN C 54 1.95 7.38 19.37
N LEU C 55 1.10 6.50 18.84
CA LEU C 55 0.99 5.15 19.41
C LEU C 55 2.25 4.36 19.18
N ALA C 56 2.89 4.50 18.02
CA ALA C 56 4.16 3.81 17.80
C ALA C 56 5.25 4.34 18.73
N GLU C 57 5.27 5.65 18.97
CA GLU C 57 6.23 6.19 19.93
C GLU C 57 5.97 5.66 21.33
N LEU C 58 4.71 5.59 21.75
CA LEU C 58 4.38 5.05 23.06
C LEU C 58 4.80 3.59 23.17
N ASN C 59 4.50 2.79 22.14
CA ASN C 59 4.82 1.37 22.16
C ASN C 59 6.33 1.15 22.19
N SER C 60 7.08 1.98 21.46
CA SER C 60 8.53 1.90 21.52
C SER C 60 9.06 2.36 22.87
N ASP C 61 8.32 3.24 23.56
CA ASP C 61 8.78 3.76 24.83
C ASP C 61 8.82 2.68 25.91
N GLY C 62 7.84 1.78 25.91
CA GLY C 62 7.77 0.75 26.92
C GLY C 62 6.36 0.49 27.41
N PHE C 63 5.40 1.25 26.89
CA PHE C 63 4.01 1.04 27.23
C PHE C 63 3.45 -0.15 26.47
N GLU C 64 2.33 -0.67 26.96
CA GLU C 64 1.59 -1.73 26.30
C GLU C 64 0.27 -1.12 25.85
N VAL C 65 0.20 -0.73 24.59
CA VAL C 65 -0.93 0.01 24.06
C VAL C 65 -1.94 -0.95 23.45
N ILE C 66 -3.19 -0.83 23.84
CA ILE C 66 -4.31 -1.55 23.23
C ILE C 66 -5.20 -0.53 22.55
N LEU C 67 -5.50 -0.75 21.28
CA LEU C 67 -6.28 0.20 20.50
C LEU C 67 -7.63 -0.41 20.19
N VAL C 68 -8.70 0.28 20.58
CA VAL C 68 -10.05 -0.16 20.26
C VAL C 68 -10.61 0.74 19.16
N SER C 69 -10.43 0.32 17.91
CA SER C 69 -10.80 1.17 16.79
C SER C 69 -12.31 1.31 16.67
N SER C 70 -12.74 2.33 15.93
CA SER C 70 -14.14 2.55 15.66
C SER C 70 -14.29 3.39 14.40
N GLY C 71 -15.49 3.37 13.84
CA GLY C 71 -15.79 4.22 12.71
C GLY C 71 -15.63 3.56 11.35
N ALA C 72 -16.14 2.34 11.22
CA ALA C 72 -16.12 1.66 9.94
C ALA C 72 -17.41 1.82 9.15
N VAL C 73 -18.52 2.15 9.81
CA VAL C 73 -19.80 2.23 9.12
C VAL C 73 -19.78 3.38 8.12
N GLY C 74 -19.21 4.52 8.49
CA GLY C 74 -19.17 5.69 7.59
C GLY C 74 -18.33 5.44 6.34
N LEU C 75 -17.08 5.03 6.53
CA LEU C 75 -16.17 4.76 5.38
C LEU C 75 -16.81 3.68 4.51
N GLY C 76 -17.36 2.64 5.15
CA GLY C 76 -17.98 1.55 4.39
C GLY C 76 -19.09 2.09 3.51
N ARG C 77 -19.96 2.93 4.07
CA ARG C 77 -21.08 3.51 3.29
C ARG C 77 -20.52 4.36 2.15
N GLN C 78 -19.52 5.21 2.39
CA GLN C 78 -18.92 5.97 1.26
C GLN C 78 -18.49 5.00 0.16
N ARG C 79 -17.72 3.97 0.50
CA ARG C 79 -17.20 3.04 -0.54
C ARG C 79 -18.36 2.39 -1.28
N LEU C 80 -19.40 1.96 -0.56
CA LEU C 80 -20.52 1.23 -1.22
C LEU C 80 -21.27 2.20 -2.13
N ARG C 81 -21.42 3.46 -1.75
CA ARG C 81 -22.06 4.46 -2.66
C ARG C 81 -21.19 4.61 -3.91
N TYR C 82 -19.88 4.74 -3.75
CA TYR C 82 -18.98 4.78 -4.94
C TYR C 82 -19.28 3.58 -5.83
N ARG C 83 -19.30 2.37 -5.26
CA ARG C 83 -19.51 1.16 -6.09
C ARG C 83 -20.85 1.26 -6.81
N GLN C 84 -21.92 1.56 -6.08
CA GLN C 84 -23.26 1.67 -6.71
C GLN C 84 -23.13 2.60 -7.91
N LEU C 85 -22.62 3.82 -7.73
CA LEU C 85 -22.47 4.79 -8.85
C LEU C 85 -21.64 4.14 -9.98
N VAL C 86 -20.38 3.82 -9.72
CA VAL C 86 -19.48 3.29 -10.78
C VAL C 86 -20.22 2.24 -11.61
N ASN C 87 -20.87 1.27 -10.97
CA ASN C 87 -21.49 0.16 -11.74
C ASN C 87 -22.96 0.49 -12.01
N SER C 88 -23.45 1.62 -11.48
CA SER C 88 -24.84 2.04 -11.79
C SER C 88 -24.87 2.62 -13.20
N SER C 89 -26.05 3.00 -13.65
CA SER C 89 -26.22 3.52 -15.04
C SER C 89 -27.12 4.75 -15.04
N PHE C 90 -26.93 5.68 -15.99
CA PHE C 90 -27.70 6.96 -16.01
C PHE C 90 -29.18 6.70 -15.76
N ALA C 91 -29.89 6.09 -16.70
CA ALA C 91 -31.33 5.79 -16.56
C ALA C 91 -31.64 5.53 -15.08
N ASP C 92 -30.81 4.72 -14.42
CA ASP C 92 -31.05 4.37 -12.99
C ASP C 92 -30.87 5.60 -12.10
N LEU C 93 -29.79 6.35 -12.28
CA LEU C 93 -29.55 7.56 -11.45
C LEU C 93 -30.78 8.46 -11.56
N GLN C 94 -31.52 8.37 -12.68
CA GLN C 94 -32.78 9.17 -12.81
C GLN C 94 -33.87 8.62 -11.87
N LYS C 95 -33.86 7.32 -11.52
CA LYS C 95 -34.85 6.72 -10.56
C LYS C 95 -34.51 7.07 -9.10
N PRO C 96 -35.37 6.80 -8.09
CA PRO C 96 -35.03 7.08 -6.69
C PRO C 96 -33.86 6.23 -6.17
N GLN C 97 -33.21 6.68 -5.09
CA GLN C 97 -32.06 5.94 -4.50
C GLN C 97 -32.56 4.97 -3.43
N THR C 98 -31.67 4.11 -2.92
CA THR C 98 -32.06 3.19 -1.81
C THR C 98 -31.12 3.43 -0.63
N GLU C 99 -31.47 2.92 0.55
CA GLU C 99 -30.56 3.04 1.72
C GLU C 99 -29.66 1.82 1.77
N LEU C 100 -28.34 2.03 1.82
CA LEU C 100 -27.40 0.88 1.79
C LEU C 100 -27.47 0.14 3.13
N ASP C 101 -27.54 -1.19 3.09
CA ASP C 101 -27.62 -2.00 4.30
C ASP C 101 -26.56 -1.56 5.31
N GLY C 102 -26.91 -1.70 6.59
CA GLY C 102 -25.96 -1.38 7.65
C GLY C 102 -24.84 -2.37 7.77
N LYS C 103 -25.17 -3.67 7.73
CA LYS C 103 -24.17 -4.71 7.89
C LYS C 103 -23.20 -4.75 6.71
N ALA C 104 -23.72 -4.56 5.49
CA ALA C 104 -22.84 -4.50 4.32
C ALA C 104 -21.86 -3.33 4.44
N CYS C 105 -22.36 -2.16 4.87
CA CYS C 105 -21.49 -1.01 5.04
C CYS C 105 -20.42 -1.28 6.10
N ALA C 106 -20.81 -1.87 7.22
CA ALA C 106 -19.84 -2.16 8.27
C ALA C 106 -18.78 -3.14 7.80
N GLY C 107 -19.20 -4.20 7.10
CA GLY C 107 -18.25 -5.17 6.61
C GLY C 107 -17.27 -4.58 5.61
N VAL C 108 -17.76 -3.74 4.69
CA VAL C 108 -16.85 -3.14 3.72
C VAL C 108 -15.91 -2.16 4.40
N GLY C 109 -16.42 -1.35 5.33
CA GLY C 109 -15.59 -0.33 5.96
C GLY C 109 -14.52 -0.91 6.87
N GLN C 110 -14.84 -1.99 7.59
CA GLN C 110 -13.89 -2.56 8.53
C GLN C 110 -12.62 -3.01 7.82
N SER C 111 -12.77 -3.69 6.69
CA SER C 111 -11.62 -4.21 5.98
C SER C 111 -10.71 -3.08 5.50
N SER C 112 -11.29 -2.03 4.94
CA SER C 112 -10.49 -0.91 4.46
C SER C 112 -9.79 -0.19 5.61
N LEU C 113 -10.52 0.05 6.70
CA LEU C 113 -9.92 0.74 7.82
C LEU C 113 -8.74 -0.04 8.38
N MET C 114 -8.90 -1.35 8.56
CA MET C 114 -7.82 -2.11 9.17
C MET C 114 -6.69 -2.38 8.18
N ALA C 115 -6.97 -2.43 6.88
CA ALA C 115 -5.89 -2.48 5.90
C ALA C 115 -5.06 -1.20 5.95
N TYR C 116 -5.72 -0.05 6.08
CA TYR C 116 -5.00 1.21 6.20
C TYR C 116 -4.18 1.26 7.48
N TYR C 117 -4.75 0.76 8.59
CA TYR C 117 -4.01 0.70 9.84
C TYR C 117 -2.76 -0.15 9.68
N GLU C 118 -2.89 -1.30 9.03
CA GLU C 118 -1.73 -2.15 8.80
C GLU C 118 -0.69 -1.43 7.94
N THR C 119 -1.14 -0.71 6.93
CA THR C 119 -0.20 0.01 6.07
C THR C 119 0.63 1.01 6.87
N MET C 120 -0.02 1.87 7.65
CA MET C 120 0.76 2.84 8.41
C MET C 120 1.57 2.21 9.52
N PHE C 121 1.06 1.17 10.17
CA PHE C 121 1.85 0.56 11.23
C PHE C 121 3.07 -0.15 10.67
N ASP C 122 2.95 -0.76 9.48
CA ASP C 122 4.12 -1.33 8.83
C ASP C 122 5.11 -0.24 8.45
N GLN C 123 4.61 0.88 7.91
CA GLN C 123 5.50 1.99 7.58
C GLN C 123 6.17 2.58 8.82
N LEU C 124 5.59 2.35 10.00
CA LEU C 124 6.13 2.83 11.26
C LEU C 124 6.98 1.79 11.97
N ASP C 125 7.18 0.62 11.35
CA ASP C 125 7.94 -0.48 11.95
C ASP C 125 7.33 -0.94 13.26
N VAL C 126 6.03 -1.18 13.24
CA VAL C 126 5.30 -1.77 14.37
C VAL C 126 4.31 -2.77 13.82
N THR C 127 4.26 -3.95 14.43
CA THR C 127 3.32 -4.99 14.02
C THR C 127 1.99 -4.78 14.73
N ALA C 128 0.90 -4.72 13.97
CA ALA C 128 -0.42 -4.52 14.51
C ALA C 128 -1.25 -5.77 14.27
N ALA C 129 -2.10 -6.12 15.23
CA ALA C 129 -2.89 -7.33 15.16
C ALA C 129 -4.37 -6.99 15.30
N GLN C 130 -5.19 -7.77 14.59
CA GLN C 130 -6.65 -7.49 14.55
C GLN C 130 -7.43 -8.59 15.27
N LEU C 131 -8.14 -8.23 16.34
CA LEU C 131 -9.01 -9.13 17.07
C LEU C 131 -10.42 -8.57 17.01
N LEU C 132 -11.40 -9.45 16.79
CA LEU C 132 -12.80 -9.06 16.74
C LEU C 132 -13.58 -9.87 17.75
N VAL C 133 -14.33 -9.18 18.61
CA VAL C 133 -15.06 -9.81 19.69
C VAL C 133 -16.50 -9.34 19.65
N ASN C 134 -17.44 -10.28 19.72
CA ASN C 134 -18.86 -9.99 19.71
C ASN C 134 -19.44 -10.06 21.12
N ASP C 135 -20.72 -9.68 21.24
CA ASP C 135 -21.37 -9.67 22.55
C ASP C 135 -21.62 -11.09 23.05
N SER C 136 -22.04 -11.99 22.16
CA SER C 136 -22.32 -13.36 22.58
C SER C 136 -21.08 -14.08 23.05
N SER C 137 -19.90 -13.65 22.60
CA SER C 137 -18.67 -14.32 23.02
C SER C 137 -18.32 -14.01 24.47
N PHE C 138 -18.66 -12.80 24.94
CA PHE C 138 -18.31 -12.39 26.30
C PHE C 138 -19.09 -13.12 27.38
N ARG C 139 -20.12 -13.88 27.01
CA ARG C 139 -20.93 -14.58 28.00
C ARG C 139 -20.21 -15.78 28.62
N ASP C 140 -19.06 -16.16 28.09
CA ASP C 140 -18.30 -17.30 28.59
C ASP C 140 -17.09 -16.82 29.36
N LYS C 141 -16.96 -17.28 30.61
CA LYS C 141 -15.78 -16.94 31.39
C LYS C 141 -14.52 -17.56 30.80
N ASP C 142 -14.64 -18.78 30.28
CA ASP C 142 -13.50 -19.40 29.60
C ASP C 142 -13.06 -18.59 28.39
N PHE C 143 -14.02 -17.96 27.69
CA PHE C 143 -13.64 -17.05 26.62
C PHE C 143 -12.86 -15.87 27.16
N ARG C 144 -13.25 -15.34 28.31
CA ARG C 144 -12.51 -14.24 28.90
C ARG C 144 -11.08 -14.66 29.22
N LYS C 145 -10.91 -15.87 29.77
CA LYS C 145 -9.56 -16.35 30.07
C LYS C 145 -8.74 -16.51 28.78
N GLN C 146 -9.37 -17.01 27.72
CA GLN C 146 -8.58 -17.26 26.49
C GLN C 146 -8.22 -15.92 25.83
N LEU C 147 -9.13 -14.93 25.88
CA LEU C 147 -8.78 -13.62 25.35
C LEU C 147 -7.68 -12.98 26.17
N ASN C 148 -7.72 -13.12 27.49
CA ASN C 148 -6.67 -12.56 28.32
C ASN C 148 -5.32 -13.20 27.98
N GLU C 149 -5.29 -14.51 27.80
CA GLU C 149 -4.05 -15.19 27.46
C GLU C 149 -3.53 -14.75 26.09
N THR C 150 -4.42 -14.64 25.11
CA THR C 150 -4.00 -14.20 23.78
C THR C 150 -3.44 -12.78 23.83
N VAL C 151 -4.11 -11.88 24.54
CA VAL C 151 -3.65 -10.51 24.62
C VAL C 151 -2.31 -10.44 25.35
N LYS C 152 -2.14 -11.23 26.41
CA LYS C 152 -0.86 -11.23 27.11
C LYS C 152 0.26 -11.70 26.20
N SER C 153 0.02 -12.78 25.44
CA SER C 153 1.04 -13.28 24.54
C SER C 153 1.36 -12.29 23.42
N MET C 154 0.36 -11.56 22.95
CA MET C 154 0.60 -10.58 21.90
C MET C 154 1.30 -9.34 22.41
N LEU C 155 1.03 -8.94 23.65
CA LEU C 155 1.71 -7.78 24.21
C LEU C 155 3.14 -8.10 24.62
N ASP C 156 3.44 -9.35 24.96
CA ASP C 156 4.81 -9.69 25.31
C ASP C 156 5.77 -9.60 24.13
N LEU C 157 5.25 -9.52 22.90
CA LEU C 157 6.08 -9.39 21.71
C LEU C 157 5.97 -8.01 21.09
N ARG C 158 5.44 -7.04 21.83
CA ARG C 158 5.31 -5.65 21.38
C ARG C 158 4.46 -5.55 20.12
N VAL C 159 3.22 -6.02 20.25
CA VAL C 159 2.20 -5.96 19.20
C VAL C 159 1.04 -5.13 19.72
N ILE C 160 0.42 -4.36 18.83
CA ILE C 160 -0.70 -3.50 19.21
C ILE C 160 -2.00 -4.17 18.81
N PRO C 161 -2.70 -4.84 19.72
CA PRO C 161 -3.97 -5.50 19.36
C PRO C 161 -5.04 -4.46 19.05
N ILE C 162 -5.58 -4.52 17.85
CA ILE C 162 -6.58 -3.56 17.39
C ILE C 162 -7.94 -4.25 17.48
N PHE C 163 -8.63 -4.05 18.60
CA PHE C 163 -9.94 -4.64 18.77
C PHE C 163 -10.98 -3.88 17.96
N ASN C 164 -12.18 -4.42 17.94
CA ASN C 164 -13.36 -3.75 17.38
C ASN C 164 -14.57 -4.59 17.74
N GLU C 165 -15.72 -4.21 17.22
CA GLU C 165 -16.95 -4.97 17.38
C GLU C 165 -17.37 -5.55 16.04
N ASN C 166 -17.68 -6.85 16.02
CA ASN C 166 -18.04 -7.54 14.79
C ASN C 166 -19.45 -7.11 14.40
N ASP C 167 -19.55 -5.91 13.83
CA ASP C 167 -20.83 -5.39 13.36
C ASP C 167 -21.29 -6.06 12.07
N ALA C 168 -20.38 -6.68 11.32
CA ALA C 168 -20.69 -7.30 10.05
C ALA C 168 -21.28 -8.70 10.20
N ILE C 169 -21.40 -9.16 11.45
CA ILE C 169 -21.97 -10.51 11.71
C ILE C 169 -22.90 -10.42 12.93
N SER C 170 -22.82 -9.33 13.69
CA SER C 170 -23.62 -9.19 14.94
C SER C 170 -25.11 -9.34 14.62
N THR C 171 -25.78 -10.31 15.24
CA THR C 171 -27.22 -10.55 14.99
C THR C 171 -28.02 -9.29 15.36
N ARG C 172 -27.64 -8.62 16.46
CA ARG C 172 -28.33 -7.39 16.90
C ARG C 172 -29.00 -6.72 15.68
N SER C 179 -28.19 -3.69 23.59
CA SER C 179 -28.13 -2.87 24.80
C SER C 179 -28.25 -3.73 26.05
N SER C 180 -28.99 -4.83 25.94
CA SER C 180 -29.20 -5.73 27.06
C SER C 180 -27.97 -6.55 27.40
N GLY C 181 -26.97 -6.59 26.52
CA GLY C 181 -25.77 -7.36 26.75
C GLY C 181 -24.78 -6.63 27.64
N ILE C 182 -23.59 -7.22 27.77
CA ILE C 182 -22.55 -6.62 28.58
C ILE C 182 -22.11 -5.29 27.99
N PHE C 183 -21.90 -5.26 26.68
CA PHE C 183 -21.51 -4.04 25.98
C PHE C 183 -22.37 -3.89 24.72
N TRP C 184 -22.65 -2.64 24.36
CA TRP C 184 -23.47 -2.34 23.20
C TRP C 184 -22.81 -1.40 22.20
N ASP C 185 -21.81 -0.63 22.63
CA ASP C 185 -21.08 0.27 21.75
C ASP C 185 -19.61 0.27 22.14
N ASN C 186 -18.78 0.79 21.25
CA ASN C 186 -17.34 0.81 21.51
C ASN C 186 -17.00 1.71 22.70
N ASP C 187 -17.85 2.71 23.00
CA ASP C 187 -17.67 3.50 24.20
C ASP C 187 -17.71 2.61 25.44
N SER C 188 -18.53 1.56 25.41
CA SER C 188 -18.60 0.60 26.50
C SER C 188 -17.73 -0.62 26.27
N LEU C 189 -17.44 -0.96 25.01
CA LEU C 189 -16.49 -2.04 24.75
C LEU C 189 -15.12 -1.70 25.28
N ALA C 190 -14.70 -0.44 25.13
CA ALA C 190 -13.41 -0.04 25.69
C ALA C 190 -13.39 -0.21 27.19
N ALA C 191 -14.46 0.17 27.89
CA ALA C 191 -14.50 0.01 29.32
C ALA C 191 -14.48 -1.46 29.72
N LEU C 192 -15.22 -2.30 29.00
CA LEU C 192 -15.23 -3.72 29.31
C LEU C 192 -13.85 -4.34 29.11
N LEU C 193 -13.17 -3.98 28.02
CA LEU C 193 -11.83 -4.49 27.79
C LEU C 193 -10.87 -4.00 28.86
N ALA C 194 -10.93 -2.71 29.20
CA ALA C 194 -10.01 -2.18 30.21
C ALA C 194 -10.22 -2.86 31.55
N LEU C 195 -11.48 -3.12 31.92
CA LEU C 195 -11.71 -3.84 33.17
C LEU C 195 -11.21 -5.27 33.09
N GLU C 196 -11.43 -5.93 31.95
CA GLU C 196 -11.06 -7.34 31.84
C GLU C 196 -9.55 -7.51 31.69
N LEU C 197 -8.90 -6.65 30.90
CA LEU C 197 -7.47 -6.78 30.65
C LEU C 197 -6.63 -6.15 31.75
N LYS C 198 -7.25 -5.64 32.81
CA LYS C 198 -6.55 -5.01 33.93
C LYS C 198 -5.67 -3.87 33.44
N ALA C 199 -6.22 -3.03 32.57
CA ALA C 199 -5.49 -1.85 32.12
C ALA C 199 -5.31 -0.88 33.28
N ASP C 200 -4.56 0.20 33.01
CA ASP C 200 -4.27 1.19 34.03
C ASP C 200 -4.83 2.57 33.74
N LEU C 201 -5.16 2.87 32.49
CA LEU C 201 -5.76 4.15 32.14
C LEU C 201 -6.45 4.01 30.80
N LEU C 202 -7.64 4.58 30.70
CA LEU C 202 -8.49 4.46 29.52
C LEU C 202 -8.70 5.84 28.93
N ILE C 203 -8.32 6.02 27.66
CA ILE C 203 -8.40 7.31 26.98
C ILE C 203 -9.49 7.21 25.93
N LEU C 204 -10.51 8.05 26.05
CA LEU C 204 -11.61 8.05 25.09
C LEU C 204 -11.38 9.21 24.12
N LEU C 205 -10.80 8.91 22.97
CA LEU C 205 -10.51 9.94 21.98
C LEU C 205 -11.79 10.38 21.30
N SER C 206 -12.19 11.62 21.53
CA SER C 206 -13.35 12.23 20.90
C SER C 206 -12.92 13.49 20.15
N ASP C 207 -13.90 14.21 19.63
CA ASP C 207 -13.63 15.45 18.90
C ASP C 207 -13.78 16.70 19.76
N VAL C 208 -14.06 16.53 21.06
CA VAL C 208 -14.25 17.66 21.96
C VAL C 208 -13.17 17.59 23.03
N GLU C 209 -12.82 18.76 23.59
CA GLU C 209 -11.75 18.82 24.57
C GLU C 209 -12.08 18.07 25.86
N GLY C 210 -13.33 17.69 26.07
CA GLY C 210 -13.67 16.92 27.24
C GLY C 210 -15.14 16.97 27.61
N LEU C 211 -15.43 17.23 28.88
CA LEU C 211 -16.78 17.33 29.39
C LEU C 211 -16.99 18.75 29.88
N TYR C 212 -18.04 19.41 29.40
CA TYR C 212 -18.33 20.79 29.74
C TYR C 212 -19.53 20.87 30.67
N THR C 213 -19.67 22.03 31.32
CA THR C 213 -20.80 22.27 32.21
C THR C 213 -22.12 22.36 31.46
N GLY C 214 -22.09 22.46 30.14
CA GLY C 214 -23.28 22.46 29.33
C GLY C 214 -22.96 22.07 27.91
N PRO C 215 -23.78 22.49 26.95
CA PRO C 215 -23.46 22.28 25.54
C PRO C 215 -22.17 22.99 25.18
N PRO C 216 -21.36 22.38 24.30
CA PRO C 216 -20.09 23.03 23.92
C PRO C 216 -20.28 24.38 23.26
N SER C 217 -21.38 24.58 22.50
CA SER C 217 -21.61 25.85 21.83
C SER C 217 -21.99 26.97 22.80
N ASP C 218 -22.37 26.63 24.03
CA ASP C 218 -22.74 27.65 25.00
C ASP C 218 -21.50 28.38 25.48
N PRO C 219 -21.42 29.71 25.32
CA PRO C 219 -20.26 30.44 25.83
C PRO C 219 -20.08 30.33 27.33
N ASN C 220 -21.17 30.23 28.09
CA ASN C 220 -21.09 30.12 29.55
C ASN C 220 -20.55 28.78 30.01
N SER C 221 -20.47 27.79 29.13
CA SER C 221 -19.96 26.48 29.51
C SER C 221 -18.47 26.56 29.85
N LYS C 222 -18.06 25.72 30.81
CA LYS C 222 -16.68 25.67 31.25
C LYS C 222 -16.20 24.22 31.29
N LEU C 223 -14.90 24.04 31.05
CA LEU C 223 -14.33 22.70 31.06
C LEU C 223 -14.30 22.14 32.48
N ILE C 224 -14.42 20.82 32.57
CA ILE C 224 -14.45 20.11 33.84
C ILE C 224 -13.05 19.58 34.13
N HIS C 225 -12.44 20.06 35.21
CA HIS C 225 -11.11 19.57 35.57
C HIS C 225 -11.15 18.10 35.98
N THR C 226 -12.14 17.72 36.78
CA THR C 226 -12.34 16.32 37.14
C THR C 226 -13.80 16.10 37.46
N PHE C 227 -14.30 14.90 37.15
CA PHE C 227 -15.71 14.61 37.35
C PHE C 227 -15.96 14.16 38.78
N VAL C 228 -16.92 14.79 39.45
CA VAL C 228 -17.26 14.49 40.84
C VAL C 228 -18.64 13.85 40.86
N LYS C 229 -18.76 12.67 41.48
CA LYS C 229 -20.06 11.96 41.49
C LYS C 229 -21.00 12.55 42.54
N GLU C 230 -20.56 13.56 43.30
CA GLU C 230 -21.43 14.19 44.27
C GLU C 230 -21.84 15.61 43.87
N LYS C 231 -21.09 16.20 42.93
CA LYS C 231 -21.35 17.60 42.50
C LYS C 231 -21.67 17.62 41.01
N HIS C 232 -20.67 17.35 40.16
CA HIS C 232 -20.88 17.35 38.69
C HIS C 232 -21.77 16.16 38.33
N GLN C 233 -22.35 15.51 39.34
CA GLN C 233 -23.21 14.32 39.11
C GLN C 233 -24.34 14.69 38.14
N ASP C 234 -25.08 15.77 38.42
CA ASP C 234 -26.25 16.11 37.58
C ASP C 234 -26.15 17.57 37.12
N GLU C 235 -24.94 18.13 37.09
CA GLU C 235 -24.75 19.55 36.71
C GLU C 235 -24.56 19.66 35.19
N ILE C 236 -24.64 18.53 34.47
CA ILE C 236 -24.38 18.55 33.00
C ILE C 236 -25.59 17.98 32.27
N THR C 237 -25.96 18.58 31.13
CA THR C 237 -27.11 18.09 30.33
C THR C 237 -26.60 17.59 28.96
N PHE C 238 -27.13 16.47 28.49
CA PHE C 238 -26.69 15.90 27.18
C PHE C 238 -27.88 15.85 26.22
N GLY C 248 -24.42 9.16 22.00
CA GLY C 248 -23.83 10.48 22.12
C GLY C 248 -22.81 10.57 23.22
N MET C 249 -22.66 11.77 23.79
CA MET C 249 -21.71 11.94 24.89
C MET C 249 -22.26 11.38 26.20
N THR C 250 -23.58 11.24 26.31
CA THR C 250 -24.14 10.64 27.52
C THR C 250 -23.71 9.18 27.66
N ALA C 251 -23.63 8.44 26.55
CA ALA C 251 -23.12 7.08 26.61
C ALA C 251 -21.66 7.06 27.01
N LYS C 252 -20.86 8.01 26.50
CA LYS C 252 -19.47 8.11 26.91
C LYS C 252 -19.36 8.35 28.40
N VAL C 253 -20.16 9.26 28.94
CA VAL C 253 -20.10 9.57 30.37
C VAL C 253 -20.54 8.38 31.20
N LYS C 254 -21.58 7.67 30.74
CA LYS C 254 -22.05 6.50 31.48
C LYS C 254 -20.98 5.41 31.52
N ALA C 255 -20.35 5.15 30.37
CA ALA C 255 -19.29 4.15 30.32
C ALA C 255 -18.09 4.58 31.16
N ALA C 256 -17.77 5.87 31.14
CA ALA C 256 -16.67 6.37 31.96
C ALA C 256 -16.97 6.19 33.44
N VAL C 257 -18.20 6.49 33.87
CA VAL C 257 -18.54 6.32 35.28
C VAL C 257 -18.49 4.86 35.67
N ASN C 258 -19.00 3.97 34.81
CA ASN C 258 -18.96 2.55 35.10
C ASN C 258 -17.52 2.04 35.21
N ALA C 259 -16.64 2.49 34.32
CA ALA C 259 -15.25 2.04 34.37
C ALA C 259 -14.52 2.61 35.57
N ALA C 260 -14.69 3.91 35.85
CA ALA C 260 -13.99 4.52 36.98
C ALA C 260 -14.53 4.06 38.32
N TYR C 261 -15.75 3.53 38.37
CA TYR C 261 -16.25 2.96 39.61
C TYR C 261 -15.44 1.74 40.03
N ALA C 262 -15.02 0.93 39.06
CA ALA C 262 -14.32 -0.31 39.35
C ALA C 262 -12.83 -0.09 39.62
N GLY C 263 -12.34 1.13 39.53
CA GLY C 263 -10.95 1.41 39.82
C GLY C 263 -10.04 1.55 38.62
N ILE C 264 -10.58 1.87 37.45
CA ILE C 264 -9.79 2.14 36.26
C ILE C 264 -9.93 3.63 35.95
N PRO C 265 -8.88 4.43 36.12
CA PRO C 265 -9.00 5.86 35.80
C PRO C 265 -9.26 6.07 34.32
N VAL C 266 -10.13 7.04 34.03
CA VAL C 266 -10.62 7.28 32.68
C VAL C 266 -10.38 8.74 32.33
N ILE C 267 -9.84 8.97 31.13
CA ILE C 267 -9.53 10.31 30.64
C ILE C 267 -10.27 10.51 29.33
N ILE C 268 -11.08 11.56 29.24
CA ILE C 268 -11.76 11.93 28.01
C ILE C 268 -11.01 13.10 27.41
N THR C 269 -10.42 12.88 26.24
CA THR C 269 -9.56 13.90 25.65
C THR C 269 -9.84 13.99 24.16
N SER C 270 -9.44 15.12 23.58
CA SER C 270 -9.71 15.41 22.17
C SER C 270 -8.61 14.83 21.30
N GLY C 271 -8.99 14.06 20.30
CA GLY C 271 -8.05 13.46 19.38
C GLY C 271 -7.64 14.32 18.22
N TYR C 272 -8.12 15.57 18.17
CA TYR C 272 -7.75 16.47 17.09
C TYR C 272 -6.31 16.94 17.21
N SER C 273 -5.67 16.76 18.36
CA SER C 273 -4.30 17.17 18.58
C SER C 273 -3.40 15.94 18.65
N ALA C 274 -2.14 16.11 18.24
CA ALA C 274 -1.20 15.01 18.12
C ALA C 274 -0.40 14.75 19.39
N GLU C 275 -0.50 15.62 20.40
CA GLU C 275 0.29 15.48 21.61
C GLU C 275 -0.57 15.34 22.87
N ASN C 276 -1.88 15.15 22.70
CA ASN C 276 -2.75 15.01 23.87
C ASN C 276 -2.43 13.75 24.66
N ILE C 277 -2.13 12.65 23.97
CA ILE C 277 -1.81 11.41 24.67
C ILE C 277 -0.55 11.58 25.51
N ASP C 278 0.48 12.22 24.96
CA ASP C 278 1.69 12.45 25.74
C ASP C 278 1.40 13.35 26.92
N LYS C 279 0.55 14.37 26.72
CA LYS C 279 0.24 15.29 27.81
C LYS C 279 -0.46 14.59 28.97
N VAL C 280 -1.44 13.74 28.67
CA VAL C 280 -2.13 13.05 29.75
C VAL C 280 -1.21 12.02 30.39
N LEU C 281 -0.40 11.33 29.59
CA LEU C 281 0.51 10.33 30.14
C LEU C 281 1.65 10.94 30.94
N ARG C 282 1.93 12.23 30.77
CA ARG C 282 2.96 12.90 31.55
C ARG C 282 2.43 13.53 32.83
N GLY C 283 1.11 13.55 33.02
CA GLY C 283 0.52 14.13 34.20
C GLY C 283 0.03 15.56 34.06
N LEU C 284 -0.01 16.09 32.85
CA LEU C 284 -0.48 17.46 32.66
C LEU C 284 -1.99 17.54 32.81
N ARG C 285 -2.48 18.78 32.96
CA ARG C 285 -3.91 19.04 33.10
C ARG C 285 -4.52 19.10 31.70
N VAL C 286 -4.98 17.96 31.22
CA VAL C 286 -5.61 17.88 29.90
C VAL C 286 -6.79 16.92 29.97
N GLY C 287 -7.84 17.22 29.23
CA GLY C 287 -9.01 16.36 29.18
C GLY C 287 -9.83 16.43 30.45
N THR C 288 -10.76 15.50 30.56
CA THR C 288 -11.59 15.34 31.74
C THR C 288 -11.26 14.02 32.42
N LEU C 289 -11.07 14.07 33.73
CA LEU C 289 -10.63 12.91 34.50
C LEU C 289 -11.81 12.27 35.22
N PHE C 290 -11.85 10.94 35.20
CA PHE C 290 -12.86 10.15 35.88
C PHE C 290 -12.12 9.20 36.83
N HIS C 291 -12.02 9.56 38.10
CA HIS C 291 -11.31 8.75 39.07
C HIS C 291 -12.13 8.58 40.33
N GLN C 292 -12.14 7.36 40.87
CA GLN C 292 -12.89 7.09 42.09
C GLN C 292 -12.18 7.65 43.31
N ASP C 293 -10.84 7.59 43.35
CA ASP C 293 -10.10 8.11 44.49
C ASP C 293 -10.03 9.62 44.48
N ALA C 294 -9.90 10.22 43.28
CA ALA C 294 -9.80 11.67 43.19
C ALA C 294 -11.08 12.33 43.63
N ARG C 295 -12.23 11.80 43.21
CA ARG C 295 -13.51 12.40 43.58
C ARG C 295 -13.74 12.26 45.08
N LEU C 296 -14.24 13.32 45.69
CA LEU C 296 -14.45 13.35 47.13
C LEU C 296 -15.85 13.83 47.48
N TYR D 82 -26.68 9.35 -28.27
CA TYR D 82 -27.35 9.72 -26.99
C TYR D 82 -27.76 8.44 -26.26
N ARG D 83 -28.62 7.63 -26.87
CA ARG D 83 -29.15 6.43 -26.17
C ARG D 83 -27.97 5.60 -25.64
N GLN D 84 -26.92 5.41 -26.43
CA GLN D 84 -25.81 4.55 -25.98
C GLN D 84 -25.28 5.09 -24.65
N LEU D 85 -25.24 6.41 -24.50
CA LEU D 85 -24.74 7.01 -23.25
C LEU D 85 -25.85 6.96 -22.18
N VAL D 86 -27.09 7.31 -22.54
CA VAL D 86 -28.19 7.36 -21.53
C VAL D 86 -28.35 5.98 -20.91
N ASN D 87 -28.45 4.94 -21.73
CA ASN D 87 -28.64 3.56 -21.22
C ASN D 87 -27.28 2.91 -21.01
N SER D 88 -26.29 3.69 -20.57
CA SER D 88 -24.97 3.09 -20.27
C SER D 88 -24.62 3.31 -18.79
N SER D 89 -23.57 2.64 -18.33
CA SER D 89 -23.11 2.73 -16.91
C SER D 89 -21.71 3.35 -16.87
N PHE D 90 -21.22 3.77 -15.70
CA PHE D 90 -19.90 4.45 -15.69
C PHE D 90 -18.80 3.47 -16.11
N ALA D 91 -18.85 2.23 -15.61
CA ALA D 91 -17.78 1.24 -15.88
C ALA D 91 -17.77 0.82 -17.36
N ASP D 92 -18.92 0.82 -18.03
CA ASP D 92 -18.95 0.50 -19.48
C ASP D 92 -18.09 1.53 -20.22
N LEU D 93 -18.30 2.81 -19.93
CA LEU D 93 -17.51 3.89 -20.55
C LEU D 93 -16.02 3.67 -20.23
N GLN D 94 -15.67 3.25 -19.02
CA GLN D 94 -14.23 3.16 -18.67
C GLN D 94 -13.49 2.31 -19.72
N LYS D 95 -14.24 1.72 -20.65
CA LYS D 95 -13.62 0.81 -21.67
C LYS D 95 -13.63 1.49 -23.04
N PRO D 96 -12.77 1.12 -24.00
CA PRO D 96 -12.81 1.71 -25.35
C PRO D 96 -14.19 1.54 -25.99
N ASP E 15 -16.42 -32.25 -20.36
CA ASP E 15 -16.92 -33.45 -21.02
C ASP E 15 -18.41 -33.37 -21.27
N ARG E 16 -19.12 -34.45 -20.95
CA ARG E 16 -20.56 -34.47 -20.99
C ARG E 16 -21.20 -34.39 -19.61
N SER E 17 -20.50 -34.85 -18.58
CA SER E 17 -21.01 -34.83 -17.21
C SER E 17 -20.64 -33.57 -16.46
N ARG E 18 -19.84 -32.68 -17.05
CA ARG E 18 -19.58 -31.37 -16.48
C ARG E 18 -20.38 -30.28 -17.19
N ALA E 19 -21.61 -30.59 -17.60
CA ALA E 19 -22.44 -29.63 -18.31
C ALA E 19 -23.14 -28.66 -17.36
N PHE E 20 -23.05 -28.86 -16.05
CA PHE E 20 -23.68 -27.92 -15.12
C PHE E 20 -22.90 -26.64 -14.97
N ALA E 21 -21.73 -26.52 -15.61
CA ALA E 21 -20.91 -25.32 -15.52
C ALA E 21 -21.41 -24.19 -16.39
N ARG E 22 -22.64 -24.28 -16.90
CA ARG E 22 -23.22 -23.22 -17.71
C ARG E 22 -24.25 -22.39 -16.96
N ASP E 23 -25.01 -22.99 -16.04
CA ASP E 23 -25.96 -22.25 -15.22
C ASP E 23 -25.35 -21.79 -13.90
N VAL E 24 -24.05 -22.00 -13.70
CA VAL E 24 -23.40 -21.57 -12.48
C VAL E 24 -23.47 -20.05 -12.37
N LYS E 25 -23.97 -19.57 -11.24
CA LYS E 25 -24.10 -18.14 -10.99
C LYS E 25 -23.35 -17.69 -9.74
N ARG E 26 -23.37 -18.48 -8.68
CA ARG E 26 -22.62 -18.19 -7.46
C ARG E 26 -21.54 -19.25 -7.28
N ILE E 27 -20.33 -18.82 -6.95
CA ILE E 27 -19.20 -19.69 -6.76
C ILE E 27 -18.59 -19.42 -5.40
N VAL E 28 -18.31 -20.47 -4.63
CA VAL E 28 -17.63 -20.35 -3.35
C VAL E 28 -16.23 -20.90 -3.53
N VAL E 29 -15.24 -20.02 -3.58
CA VAL E 29 -13.86 -20.41 -3.83
C VAL E 29 -13.11 -20.42 -2.51
N LYS E 30 -12.51 -21.56 -2.19
CA LYS E 30 -11.73 -21.70 -0.98
C LYS E 30 -10.27 -21.85 -1.35
N VAL E 31 -9.40 -21.02 -0.75
CA VAL E 31 -7.97 -21.03 -1.05
C VAL E 31 -7.26 -21.77 0.07
N GLY E 32 -6.35 -22.66 -0.29
CA GLY E 32 -5.65 -23.44 0.70
C GLY E 32 -4.49 -22.70 1.34
N THR E 33 -3.91 -23.33 2.35
CA THR E 33 -2.70 -22.78 2.95
C THR E 33 -1.50 -22.98 2.03
N ALA E 34 -1.47 -24.10 1.30
CA ALA E 34 -0.38 -24.35 0.37
C ALA E 34 -0.41 -23.44 -0.84
N VAL E 35 -1.49 -22.71 -1.05
CA VAL E 35 -1.60 -21.76 -2.15
C VAL E 35 -1.24 -20.34 -1.71
N VAL E 36 -1.52 -19.99 -0.45
CA VAL E 36 -1.26 -18.64 0.01
C VAL E 36 0.21 -18.45 0.37
N THR E 37 0.74 -19.29 1.25
CA THR E 37 2.08 -19.09 1.80
C THR E 37 3.11 -19.75 0.90
N GLY E 38 4.10 -18.97 0.48
CA GLY E 38 5.18 -19.43 -0.36
C GLY E 38 6.37 -19.91 0.45
N LYS E 39 7.54 -19.83 -0.15
CA LYS E 39 8.76 -20.28 0.52
C LYS E 39 9.14 -19.29 1.62
N GLY E 40 9.64 -19.83 2.72
CA GLY E 40 10.04 -19.02 3.85
C GLY E 40 8.90 -18.54 4.74
N GLY E 41 7.68 -18.99 4.48
CA GLY E 41 6.53 -18.56 5.26
C GLY E 41 5.95 -17.23 4.85
N ARG E 42 6.55 -16.55 3.89
CA ARG E 42 6.06 -15.27 3.44
C ARG E 42 4.88 -15.46 2.48
N LEU E 43 4.31 -14.36 2.00
CA LEU E 43 3.21 -14.44 1.05
C LEU E 43 3.73 -14.92 -0.30
N ALA E 44 2.92 -15.71 -0.98
CA ALA E 44 3.18 -16.07 -2.38
C ALA E 44 2.49 -15.02 -3.23
N LEU E 45 3.27 -14.04 -3.71
CA LEU E 45 2.68 -12.91 -4.40
C LEU E 45 2.21 -13.28 -5.80
N GLY E 46 2.96 -14.13 -6.50
CA GLY E 46 2.55 -14.49 -7.85
C GLY E 46 1.26 -15.28 -7.88
N ARG E 47 1.15 -16.29 -7.03
CA ARG E 47 -0.04 -17.14 -7.02
C ARG E 47 -1.26 -16.36 -6.58
N LEU E 48 -1.15 -15.61 -5.48
CA LEU E 48 -2.28 -14.82 -5.03
C LEU E 48 -2.64 -13.70 -6.00
N GLY E 49 -1.66 -13.12 -6.67
CA GLY E 49 -1.97 -12.11 -7.67
C GLY E 49 -2.73 -12.69 -8.85
N ALA E 50 -2.31 -13.85 -9.34
CA ALA E 50 -3.03 -14.48 -10.44
C ALA E 50 -4.44 -14.86 -10.02
N LEU E 51 -4.59 -15.37 -8.80
CA LEU E 51 -5.92 -15.73 -8.30
C LEU E 51 -6.81 -14.50 -8.18
N CYS E 52 -6.27 -13.40 -7.66
CA CYS E 52 -7.07 -12.17 -7.53
C CYS E 52 -7.45 -11.62 -8.89
N GLU E 53 -6.54 -11.69 -9.87
CA GLU E 53 -6.88 -11.25 -11.22
C GLU E 53 -8.01 -12.09 -11.79
N GLN E 54 -7.94 -13.41 -11.62
CA GLN E 54 -8.99 -14.29 -12.12
C GLN E 54 -10.32 -14.01 -11.43
N LEU E 55 -10.30 -13.78 -10.11
CA LEU E 55 -11.53 -13.52 -9.39
C LEU E 55 -12.14 -12.19 -9.80
N ALA E 56 -11.31 -11.17 -10.03
CA ALA E 56 -11.84 -9.89 -10.52
C ALA E 56 -12.43 -10.03 -11.91
N GLU E 57 -11.80 -10.83 -12.78
CA GLU E 57 -12.38 -11.06 -14.09
C GLU E 57 -13.71 -11.80 -13.99
N LEU E 58 -13.80 -12.80 -13.12
CA LEU E 58 -15.06 -13.51 -12.93
C LEU E 58 -16.14 -12.58 -12.41
N ASN E 59 -15.80 -11.76 -11.41
CA ASN E 59 -16.78 -10.86 -10.82
C ASN E 59 -17.26 -9.81 -11.82
N SER E 60 -16.35 -9.32 -12.67
CA SER E 60 -16.75 -8.41 -13.73
C SER E 60 -17.58 -9.11 -14.79
N ASP E 61 -17.39 -10.43 -14.96
CA ASP E 61 -18.13 -11.16 -15.99
C ASP E 61 -19.61 -11.23 -15.67
N GLY E 62 -19.97 -11.39 -14.40
CA GLY E 62 -21.36 -11.51 -14.03
C GLY E 62 -21.59 -12.56 -12.96
N PHE E 63 -20.53 -13.24 -12.53
CA PHE E 63 -20.62 -14.21 -11.47
C PHE E 63 -20.68 -13.51 -10.12
N GLU E 64 -21.15 -14.24 -9.12
CA GLU E 64 -21.16 -13.78 -7.73
C GLU E 64 -20.17 -14.65 -6.97
N VAL E 65 -18.96 -14.13 -6.79
CA VAL E 65 -17.86 -14.91 -6.24
C VAL E 65 -17.79 -14.68 -4.73
N ILE E 66 -17.75 -15.77 -3.97
CA ILE E 66 -17.51 -15.74 -2.54
C ILE E 66 -16.18 -16.41 -2.28
N LEU E 67 -15.30 -15.73 -1.56
CA LEU E 67 -13.95 -16.23 -1.31
C LEU E 67 -13.82 -16.58 0.16
N VAL E 68 -13.45 -17.84 0.44
CA VAL E 68 -13.21 -18.27 1.81
C VAL E 68 -11.71 -18.42 2.01
N SER E 69 -11.06 -17.36 2.48
CA SER E 69 -9.61 -17.35 2.58
C SER E 69 -9.12 -18.30 3.66
N SER E 70 -7.83 -18.63 3.59
CA SER E 70 -7.20 -19.47 4.59
C SER E 70 -5.70 -19.23 4.56
N GLY E 71 -5.03 -19.63 5.64
CA GLY E 71 -3.59 -19.59 5.68
C GLY E 71 -3.02 -18.35 6.34
N ALA E 72 -3.58 -17.97 7.49
CA ALA E 72 -3.05 -16.85 8.25
C ALA E 72 -2.09 -17.28 9.35
N VAL E 73 -2.15 -18.53 9.80
CA VAL E 73 -1.30 -18.96 10.91
C VAL E 73 0.16 -18.93 10.50
N GLY E 74 0.48 -19.37 9.28
CA GLY E 74 1.88 -19.40 8.82
C GLY E 74 2.48 -18.00 8.70
N LEU E 75 1.82 -17.12 7.95
CA LEU E 75 2.33 -15.74 7.76
C LEU E 75 2.43 -15.07 9.13
N GLY E 76 1.42 -15.27 9.97
CA GLY E 76 1.44 -14.66 11.31
C GLY E 76 2.66 -15.11 12.08
N ARG E 77 2.95 -16.41 12.06
CA ARG E 77 4.13 -16.94 12.78
C ARG E 77 5.41 -16.34 12.19
N GLN E 78 5.55 -16.28 10.86
CA GLN E 78 6.75 -15.62 10.29
C GLN E 78 6.88 -14.20 10.86
N ARG E 79 5.82 -13.40 10.79
CA ARG E 79 5.91 -11.99 11.26
C ARG E 79 6.30 -11.95 12.73
N LEU E 80 5.71 -12.82 13.56
CA LEU E 80 5.98 -12.75 15.02
C LEU E 80 7.42 -13.17 15.27
N ARG E 81 7.96 -14.13 14.52
CA ARG E 81 9.40 -14.49 14.67
C ARG E 81 10.25 -13.28 14.29
N TYR E 82 9.94 -12.62 13.18
CA TYR E 82 10.67 -11.37 12.83
C TYR E 82 10.64 -10.42 14.03
N ARG E 83 9.46 -10.19 14.60
CA ARG E 83 9.36 -9.19 15.71
C ARG E 83 10.23 -9.64 16.87
N GLN E 84 10.12 -10.91 17.28
CA GLN E 84 10.94 -11.43 18.39
C GLN E 84 12.40 -11.10 18.09
N LEU E 85 12.92 -11.51 16.93
CA LEU E 85 14.34 -11.23 16.56
C LEU E 85 14.61 -9.72 16.65
N VAL E 86 13.94 -8.92 15.81
CA VAL E 86 14.21 -7.45 15.76
C VAL E 86 14.34 -6.89 17.18
N ASN E 87 13.39 -7.20 18.07
CA ASN E 87 13.40 -6.58 19.41
C ASN E 87 14.12 -7.50 20.40
N SER E 88 14.53 -8.69 19.94
CA SER E 88 15.32 -9.58 20.82
C SER E 88 16.74 -9.06 20.90
N SER E 89 17.58 -9.72 21.70
CA SER E 89 18.97 -9.26 21.91
C SER E 89 19.94 -10.45 21.85
N PHE E 90 21.19 -10.23 21.43
CA PHE E 90 22.16 -11.34 21.26
C PHE E 90 22.13 -12.30 22.45
N ALA E 91 22.60 -11.87 23.61
CA ALA E 91 22.61 -12.70 24.83
C ALA E 91 21.40 -13.64 24.80
N ASP E 92 20.22 -13.12 24.46
CA ASP E 92 18.97 -13.94 24.44
C ASP E 92 19.05 -14.97 23.32
N LEU E 93 19.43 -14.57 22.11
CA LEU E 93 19.51 -15.52 20.97
C LEU E 93 20.42 -16.68 21.40
N GLN E 94 21.35 -16.43 22.32
CA GLN E 94 22.21 -17.54 22.83
C GLN E 94 21.39 -18.51 23.71
N LYS E 95 20.32 -18.06 24.37
CA LYS E 95 19.42 -18.95 25.19
C LYS E 95 18.47 -19.78 24.31
N PRO E 96 17.72 -20.78 24.83
CA PRO E 96 16.78 -21.55 24.00
C PRO E 96 15.60 -20.70 23.49
N GLN E 97 14.95 -21.16 22.42
CA GLN E 97 13.80 -20.41 21.83
C GLN E 97 12.50 -20.87 22.47
N THR E 98 11.39 -20.19 22.17
CA THR E 98 10.06 -20.63 22.68
C THR E 98 9.12 -20.87 21.49
N GLU E 99 7.99 -21.53 21.73
CA GLU E 99 7.00 -21.71 20.63
C GLU E 99 6.01 -20.56 20.67
N LEU E 100 5.83 -19.87 19.54
CA LEU E 100 4.93 -18.68 19.52
C LEU E 100 3.48 -19.15 19.63
N ASP E 101 2.68 -18.50 20.48
CA ASP E 101 1.29 -18.86 20.68
C ASP E 101 0.59 -19.03 19.33
N GLY E 102 -0.39 -19.94 19.31
CA GLY E 102 -1.18 -20.14 18.10
C GLY E 102 -2.14 -18.99 17.82
N LYS E 103 -2.84 -18.53 18.85
CA LYS E 103 -3.82 -17.47 18.66
C LYS E 103 -3.16 -16.14 18.31
N ALA E 104 -2.02 -15.84 18.93
CA ALA E 104 -1.29 -14.63 18.56
C ALA E 104 -0.85 -14.67 17.11
N CYS E 105 -0.34 -15.82 16.66
CA CYS E 105 0.07 -15.96 15.27
C CYS E 105 -1.11 -15.78 14.34
N ALA E 106 -2.24 -16.40 14.66
CA ALA E 106 -3.41 -16.28 13.79
C ALA E 106 -3.89 -14.84 13.72
N GLY E 107 -3.94 -14.15 14.87
CA GLY E 107 -4.39 -12.77 14.87
C GLY E 107 -3.47 -11.86 14.07
N VAL E 108 -2.16 -12.04 14.20
CA VAL E 108 -1.24 -11.20 13.44
C VAL E 108 -1.34 -11.51 11.96
N GLY E 109 -1.41 -12.79 11.59
CA GLY E 109 -1.43 -13.15 10.18
C GLY E 109 -2.69 -12.73 9.46
N GLN E 110 -3.84 -12.81 10.14
CA GLN E 110 -5.10 -12.49 9.49
C GLN E 110 -5.12 -11.05 9.01
N SER E 111 -4.66 -10.13 9.86
CA SER E 111 -4.70 -8.72 9.50
C SER E 111 -3.82 -8.43 8.29
N SER E 112 -2.62 -8.99 8.26
CA SER E 112 -1.72 -8.77 7.13
C SER E 112 -2.28 -9.38 5.85
N LEU E 113 -2.80 -10.60 5.94
CA LEU E 113 -3.33 -11.25 4.75
C LEU E 113 -4.49 -10.45 4.17
N MET E 114 -5.41 -10.00 5.01
CA MET E 114 -6.57 -9.29 4.48
C MET E 114 -6.23 -7.86 4.08
N ALA E 115 -5.23 -7.24 4.70
CA ALA E 115 -4.75 -5.96 4.19
C ALA E 115 -4.16 -6.11 2.80
N TYR E 116 -3.40 -7.18 2.57
CA TYR E 116 -2.85 -7.43 1.25
C TYR E 116 -3.95 -7.70 0.23
N TYR E 117 -4.97 -8.47 0.64
CA TYR E 117 -6.11 -8.72 -0.24
C TYR E 117 -6.79 -7.42 -0.63
N GLU E 118 -6.99 -6.53 0.34
CA GLU E 118 -7.59 -5.24 0.04
C GLU E 118 -6.72 -4.44 -0.92
N THR E 119 -5.41 -4.48 -0.72
CA THR E 119 -4.51 -3.74 -1.61
C THR E 119 -4.66 -4.20 -3.05
N MET E 120 -4.57 -5.51 -3.30
CA MET E 120 -4.69 -5.96 -4.68
C MET E 120 -6.09 -5.79 -5.23
N PHE E 121 -7.12 -5.98 -4.42
CA PHE E 121 -8.47 -5.80 -4.96
C PHE E 121 -8.74 -4.34 -5.28
N ASP E 122 -8.21 -3.41 -4.49
CA ASP E 122 -8.33 -2.00 -4.85
C ASP E 122 -7.56 -1.71 -6.13
N GLN E 123 -6.35 -2.26 -6.26
CA GLN E 123 -5.59 -2.06 -7.50
C GLN E 123 -6.29 -2.68 -8.70
N LEU E 124 -7.20 -3.63 -8.47
CA LEU E 124 -7.96 -4.28 -9.53
C LEU E 124 -9.32 -3.64 -9.75
N ASP E 125 -9.64 -2.56 -9.03
CA ASP E 125 -10.92 -1.89 -9.12
C ASP E 125 -12.08 -2.82 -8.77
N VAL E 126 -11.94 -3.50 -7.64
CA VAL E 126 -13.00 -4.34 -7.07
C VAL E 126 -13.01 -4.13 -5.56
N THR E 127 -14.20 -3.93 -5.00
CA THR E 127 -14.34 -3.75 -3.56
C THR E 127 -14.47 -5.11 -2.89
N ALA E 128 -13.63 -5.37 -1.89
CA ALA E 128 -13.64 -6.62 -1.17
C ALA E 128 -14.07 -6.37 0.27
N ALA E 129 -14.83 -7.29 0.83
CA ALA E 129 -15.37 -7.14 2.17
C ALA E 129 -14.96 -8.32 3.03
N GLN E 130 -14.74 -8.02 4.31
CA GLN E 130 -14.23 -9.05 5.27
C GLN E 130 -15.29 -9.42 6.29
N LEU E 131 -15.72 -10.68 6.30
CA LEU E 131 -16.65 -11.21 7.28
C LEU E 131 -15.97 -12.34 8.02
N LEU E 132 -16.15 -12.38 9.34
CA LEU E 132 -15.57 -13.42 10.18
C LEU E 132 -16.67 -14.11 10.95
N VAL E 133 -16.73 -15.43 10.86
CA VAL E 133 -17.79 -16.21 11.47
C VAL E 133 -17.16 -17.33 12.28
N ASN E 134 -17.61 -17.49 13.53
CA ASN E 134 -17.11 -18.52 14.42
C ASN E 134 -18.10 -19.69 14.49
N ASP E 135 -17.68 -20.75 15.19
CA ASP E 135 -18.52 -21.94 15.30
C ASP E 135 -19.73 -21.69 16.19
N SER E 136 -19.54 -20.97 17.30
CA SER E 136 -20.65 -20.70 18.21
C SER E 136 -21.72 -19.84 17.56
N SER E 137 -21.36 -19.05 16.54
CA SER E 137 -22.35 -18.19 15.90
C SER E 137 -23.32 -18.99 15.03
N PHE E 138 -22.85 -20.10 14.44
CA PHE E 138 -23.68 -20.88 13.54
C PHE E 138 -24.78 -21.65 14.25
N ARG E 139 -24.77 -21.70 15.58
CA ARG E 139 -25.78 -22.44 16.33
C ARG E 139 -27.15 -21.76 16.31
N ASP E 140 -27.23 -20.52 15.83
CA ASP E 140 -28.48 -19.77 15.80
C ASP E 140 -29.01 -19.71 14.38
N LYS E 141 -30.26 -20.15 14.19
CA LYS E 141 -30.89 -20.05 12.88
C LYS E 141 -31.09 -18.59 12.48
N ASP E 142 -31.44 -17.74 13.44
CA ASP E 142 -31.56 -16.31 13.15
C ASP E 142 -30.23 -15.73 12.69
N PHE E 143 -29.11 -16.22 13.24
CA PHE E 143 -27.81 -15.81 12.72
C PHE E 143 -27.65 -16.23 11.27
N ARG E 144 -28.09 -17.43 10.92
CA ARG E 144 -28.01 -17.87 9.54
C ARG E 144 -28.81 -16.95 8.63
N LYS E 145 -30.01 -16.56 9.05
CA LYS E 145 -30.82 -15.65 8.24
C LYS E 145 -30.13 -14.29 8.09
N GLN E 146 -29.60 -13.76 9.19
CA GLN E 146 -28.90 -12.46 9.08
C GLN E 146 -27.74 -12.61 8.07
N LEU E 147 -26.88 -13.61 8.29
CA LEU E 147 -25.73 -13.74 7.40
C LEU E 147 -26.17 -13.85 5.95
N ASN E 148 -27.25 -14.59 5.69
CA ASN E 148 -27.74 -14.70 4.32
C ASN E 148 -28.16 -13.34 3.78
N GLU E 149 -28.86 -12.55 4.60
CA GLU E 149 -29.29 -11.23 4.17
C GLU E 149 -28.09 -10.31 3.91
N THR E 150 -27.10 -10.34 4.79
CA THR E 150 -25.91 -9.51 4.60
C THR E 150 -25.18 -9.90 3.33
N VAL E 151 -25.00 -11.20 3.09
CA VAL E 151 -24.30 -11.65 1.90
C VAL E 151 -25.08 -11.28 0.65
N LYS E 152 -26.42 -11.40 0.68
CA LYS E 152 -27.20 -11.01 -0.48
C LYS E 152 -27.06 -9.53 -0.78
N SER E 153 -27.11 -8.69 0.26
CA SER E 153 -26.96 -7.26 0.06
C SER E 153 -25.57 -6.90 -0.45
N MET E 154 -24.54 -7.61 0.00
CA MET E 154 -23.19 -7.33 -0.46
C MET E 154 -22.94 -7.82 -1.87
N LEU E 155 -23.58 -8.92 -2.27
CA LEU E 155 -23.41 -9.42 -3.63
C LEU E 155 -24.21 -8.60 -4.63
N ASP E 156 -25.32 -7.99 -4.21
CA ASP E 156 -26.08 -7.16 -5.13
C ASP E 156 -25.34 -5.91 -5.56
N LEU E 157 -24.26 -5.54 -4.87
CA LEU E 157 -23.45 -4.38 -5.23
C LEU E 157 -22.10 -4.77 -5.79
N ARG E 158 -21.93 -6.03 -6.18
CA ARG E 158 -20.70 -6.55 -6.78
C ARG E 158 -19.52 -6.38 -5.84
N VAL E 159 -19.65 -7.00 -4.66
CA VAL E 159 -18.61 -7.04 -3.63
C VAL E 159 -18.24 -8.48 -3.40
N ILE E 160 -16.96 -8.75 -3.14
CA ILE E 160 -16.47 -10.11 -2.92
C ILE E 160 -16.32 -10.33 -1.43
N PRO E 161 -17.27 -10.99 -0.77
CA PRO E 161 -17.15 -11.24 0.68
C PRO E 161 -16.04 -12.25 0.96
N ILE E 162 -15.06 -11.84 1.74
CA ILE E 162 -13.91 -12.68 2.05
C ILE E 162 -14.12 -13.24 3.45
N PHE E 163 -14.69 -14.43 3.53
CA PHE E 163 -14.92 -15.06 4.81
C PHE E 163 -13.62 -15.61 5.38
N ASN E 164 -13.69 -16.09 6.61
CA ASN E 164 -12.60 -16.83 7.25
C ASN E 164 -13.15 -17.38 8.56
N GLU E 165 -12.28 -17.98 9.35
CA GLU E 165 -12.62 -18.47 10.67
C GLU E 165 -11.89 -17.64 11.72
N ASN E 166 -12.62 -17.17 12.73
CA ASN E 166 -12.06 -16.32 13.77
C ASN E 166 -11.20 -17.18 14.69
N ASP E 167 -10.00 -17.51 14.21
CA ASP E 167 -9.06 -18.29 14.99
C ASP E 167 -8.41 -17.47 16.11
N ALA E 168 -8.43 -16.15 16.01
CA ALA E 168 -7.80 -15.28 16.98
C ALA E 168 -8.66 -15.03 18.21
N ILE E 169 -9.88 -15.58 18.20
CA ILE E 169 -10.81 -15.39 19.35
C ILE E 169 -11.43 -16.75 19.70
N SER E 170 -11.24 -17.75 18.83
CA SER E 170 -11.85 -19.09 19.04
C SER E 170 -11.42 -19.67 20.39
N THR E 171 -12.37 -20.24 21.14
CA THR E 171 -12.04 -20.85 22.45
C THR E 171 -11.59 -22.30 22.23
N ARG E 172 -11.80 -22.84 21.04
CA ARG E 172 -11.36 -24.23 20.73
C ARG E 172 -9.95 -24.43 21.28
N SER E 179 -14.13 -29.86 16.55
CA SER E 179 -14.54 -30.94 15.68
C SER E 179 -15.98 -31.33 15.92
N SER E 180 -16.44 -31.18 17.17
CA SER E 180 -17.80 -31.52 17.53
C SER E 180 -18.82 -30.53 17.00
N GLY E 181 -18.40 -29.37 16.53
CA GLY E 181 -19.30 -28.36 16.02
C GLY E 181 -19.72 -28.64 14.58
N ILE E 182 -20.44 -27.68 14.01
CA ILE E 182 -20.89 -27.81 12.64
C ILE E 182 -19.70 -27.85 11.68
N PHE E 183 -18.74 -26.95 11.88
CA PHE E 183 -17.53 -26.90 11.07
C PHE E 183 -16.32 -26.77 11.99
N TRP E 184 -15.21 -27.36 11.56
CA TRP E 184 -13.97 -27.34 12.33
C TRP E 184 -12.78 -26.80 11.56
N ASP E 185 -12.82 -26.82 10.22
CA ASP E 185 -11.75 -26.29 9.40
C ASP E 185 -12.35 -25.60 8.19
N ASN E 186 -11.52 -24.81 7.50
CA ASN E 186 -12.01 -24.09 6.34
C ASN E 186 -12.42 -25.02 5.21
N ASP E 187 -11.83 -26.23 5.17
CA ASP E 187 -12.28 -27.24 4.21
C ASP E 187 -13.76 -27.55 4.42
N SER E 188 -14.22 -27.52 5.67
CA SER E 188 -15.62 -27.72 5.98
C SER E 188 -16.40 -26.43 6.11
N LEU E 189 -15.73 -25.33 6.46
CA LEU E 189 -16.41 -24.03 6.47
C LEU E 189 -16.88 -23.66 5.08
N ALA E 190 -16.07 -23.95 4.06
CA ALA E 190 -16.50 -23.67 2.69
C ALA E 190 -17.74 -24.46 2.34
N ALA E 191 -17.80 -25.74 2.73
CA ALA E 191 -18.97 -26.54 2.43
C ALA E 191 -20.20 -26.02 3.18
N LEU E 192 -20.03 -25.63 4.44
CA LEU E 192 -21.14 -25.11 5.21
C LEU E 192 -21.67 -23.82 4.59
N LEU E 193 -20.78 -22.92 4.19
CA LEU E 193 -21.21 -21.68 3.55
C LEU E 193 -21.90 -21.96 2.23
N ALA E 194 -21.33 -22.86 1.41
CA ALA E 194 -21.95 -23.15 0.12
C ALA E 194 -23.33 -23.74 0.29
N LEU E 195 -23.52 -24.62 1.28
CA LEU E 195 -24.85 -25.14 1.52
C LEU E 195 -25.80 -24.06 2.02
N GLU E 196 -25.31 -23.19 2.91
CA GLU E 196 -26.19 -22.18 3.50
C GLU E 196 -26.50 -21.06 2.51
N LEU E 197 -25.50 -20.61 1.74
CA LEU E 197 -25.70 -19.51 0.82
C LEU E 197 -26.30 -19.95 -0.51
N LYS E 198 -26.64 -21.23 -0.65
CA LYS E 198 -27.24 -21.76 -1.87
C LYS E 198 -26.34 -21.51 -3.07
N ALA E 199 -25.04 -21.75 -2.91
CA ALA E 199 -24.12 -21.61 -4.02
C ALA E 199 -24.42 -22.68 -5.08
N ASP E 200 -23.70 -22.60 -6.20
CA ASP E 200 -23.91 -23.52 -7.30
C ASP E 200 -22.71 -24.39 -7.62
N LEU E 201 -21.51 -24.00 -7.19
CA LEU E 201 -20.32 -24.82 -7.40
C LEU E 201 -19.26 -24.39 -6.41
N LEU E 202 -18.57 -25.36 -5.82
CA LEU E 202 -17.59 -25.12 -4.78
C LEU E 202 -16.23 -25.60 -5.27
N ILE E 203 -15.25 -24.70 -5.30
CA ILE E 203 -13.91 -24.99 -5.81
C ILE E 203 -12.96 -25.01 -4.63
N LEU E 204 -12.31 -26.13 -4.39
CA LEU E 204 -11.36 -26.25 -3.30
C LEU E 204 -9.95 -26.12 -3.88
N LEU E 205 -9.40 -24.92 -3.80
CA LEU E 205 -8.07 -24.66 -4.35
C LEU E 205 -7.01 -25.29 -3.46
N SER E 206 -6.33 -26.30 -3.97
CA SER E 206 -5.23 -26.95 -3.27
C SER E 206 -3.97 -26.88 -4.13
N ASP E 207 -2.92 -27.54 -3.68
CA ASP E 207 -1.65 -27.57 -4.40
C ASP E 207 -1.49 -28.80 -5.28
N VAL E 208 -2.50 -29.66 -5.34
CA VAL E 208 -2.44 -30.88 -6.13
C VAL E 208 -3.51 -30.81 -7.21
N GLU E 209 -3.27 -31.51 -8.33
CA GLU E 209 -4.19 -31.45 -9.45
C GLU E 209 -5.56 -32.05 -9.13
N GLY E 210 -5.69 -32.76 -8.02
CA GLY E 210 -6.98 -33.29 -7.65
C GLY E 210 -6.92 -34.45 -6.67
N LEU E 211 -7.66 -35.52 -6.98
CA LEU E 211 -7.69 -36.72 -6.18
C LEU E 211 -7.12 -37.87 -7.00
N TYR E 212 -6.13 -38.56 -6.47
CA TYR E 212 -5.45 -39.64 -7.17
C TYR E 212 -5.85 -40.99 -6.59
N THR E 213 -5.59 -42.05 -7.36
CA THR E 213 -5.87 -43.41 -6.91
C THR E 213 -4.97 -43.83 -5.75
N GLY E 214 -3.92 -43.08 -5.46
CA GLY E 214 -3.07 -43.34 -4.33
C GLY E 214 -2.31 -42.10 -3.93
N PRO E 215 -1.16 -42.26 -3.29
CA PRO E 215 -0.30 -41.11 -3.00
C PRO E 215 0.15 -40.45 -4.28
N PRO E 216 0.25 -39.11 -4.28
CA PRO E 216 0.69 -38.41 -5.50
C PRO E 216 2.07 -38.82 -5.98
N SER E 217 2.99 -39.16 -5.06
CA SER E 217 4.34 -39.54 -5.45
C SER E 217 4.39 -40.92 -6.10
N ASP E 218 3.33 -41.72 -5.97
CA ASP E 218 3.32 -43.04 -6.57
C ASP E 218 3.16 -42.92 -8.08
N PRO E 219 4.10 -43.44 -8.89
CA PRO E 219 3.93 -43.38 -10.34
C PRO E 219 2.69 -44.10 -10.84
N ASN E 220 2.29 -45.19 -10.18
CA ASN E 220 1.11 -45.96 -10.60
C ASN E 220 -0.19 -45.22 -10.34
N SER E 221 -0.16 -44.14 -9.56
CA SER E 221 -1.38 -43.39 -9.27
C SER E 221 -1.89 -42.70 -10.53
N LYS E 222 -3.22 -42.60 -10.62
CA LYS E 222 -3.88 -41.96 -11.75
C LYS E 222 -4.92 -40.96 -11.26
N LEU E 223 -5.11 -39.91 -12.05
CA LEU E 223 -6.08 -38.88 -11.69
C LEU E 223 -7.51 -39.42 -11.78
N ILE E 224 -8.38 -38.89 -10.93
CA ILE E 224 -9.77 -39.31 -10.86
C ILE E 224 -10.62 -38.34 -11.67
N HIS E 225 -11.25 -38.84 -12.73
CA HIS E 225 -12.11 -37.97 -13.54
C HIS E 225 -13.32 -37.50 -12.75
N THR E 226 -13.96 -38.40 -12.01
CA THR E 226 -15.07 -38.04 -11.14
C THR E 226 -15.14 -39.03 -10.00
N PHE E 227 -15.56 -38.56 -8.82
CA PHE E 227 -15.59 -39.42 -7.65
C PHE E 227 -16.90 -40.19 -7.61
N VAL E 228 -16.80 -41.51 -7.45
CA VAL E 228 -17.96 -42.40 -7.42
C VAL E 228 -18.09 -42.96 -6.02
N LYS E 229 -19.27 -42.81 -5.40
CA LYS E 229 -19.46 -43.28 -4.00
C LYS E 229 -19.70 -44.78 -3.95
N GLU E 230 -19.64 -45.46 -5.10
CA GLU E 230 -19.90 -46.93 -5.15
C GLU E 230 -18.62 -47.65 -5.61
N LYS E 231 -17.67 -46.91 -6.17
CA LYS E 231 -16.42 -47.52 -6.69
C LYS E 231 -15.22 -46.84 -6.03
N HIS E 232 -15.01 -45.55 -6.30
CA HIS E 232 -13.84 -44.82 -5.73
C HIS E 232 -14.09 -44.58 -4.24
N GLN E 233 -15.26 -44.98 -3.75
CA GLN E 233 -15.58 -44.81 -2.30
C GLN E 233 -14.38 -45.27 -1.47
N ASP E 234 -13.93 -46.51 -1.66
CA ASP E 234 -12.81 -47.06 -0.83
C ASP E 234 -11.71 -47.58 -1.76
N GLU E 235 -11.04 -46.69 -2.48
CA GLU E 235 -9.92 -47.12 -3.37
C GLU E 235 -8.72 -46.17 -3.16
N ILE E 236 -8.85 -45.22 -2.24
CA ILE E 236 -7.76 -44.21 -2.04
C ILE E 236 -7.32 -44.21 -0.57
N THR E 237 -6.03 -44.08 -0.32
CA THR E 237 -5.51 -44.02 1.08
C THR E 237 -4.97 -42.62 1.36
N PHE E 238 -5.31 -42.05 2.52
CA PHE E 238 -4.84 -40.68 2.88
C PHE E 238 -3.95 -40.75 4.11
N GLY E 248 -5.66 -33.00 6.55
CA GLY E 248 -5.05 -33.37 5.28
C GLY E 248 -6.03 -33.43 4.15
N MET E 249 -5.74 -34.28 3.15
CA MET E 249 -6.66 -34.43 2.03
C MET E 249 -7.88 -35.27 2.40
N THR E 250 -7.78 -36.09 3.44
CA THR E 250 -8.94 -36.85 3.87
C THR E 250 -10.05 -35.94 4.37
N ALA E 251 -9.69 -34.85 5.07
CA ALA E 251 -10.70 -33.88 5.48
C ALA E 251 -11.32 -33.20 4.28
N LYS E 252 -10.51 -32.87 3.26
CA LYS E 252 -11.05 -32.29 2.04
C LYS E 252 -12.05 -33.23 1.38
N VAL E 253 -11.70 -34.52 1.29
CA VAL E 253 -12.59 -35.48 0.65
C VAL E 253 -13.87 -35.65 1.45
N LYS E 254 -13.75 -35.68 2.78
CA LYS E 254 -14.95 -35.82 3.62
C LYS E 254 -15.87 -34.62 3.46
N ALA E 255 -15.31 -33.41 3.47
CA ALA E 255 -16.12 -32.21 3.28
C ALA E 255 -16.74 -32.18 1.88
N ALA E 256 -15.98 -32.62 0.88
CA ALA E 256 -16.51 -32.67 -0.48
C ALA E 256 -17.67 -33.65 -0.58
N VAL E 257 -17.55 -34.82 0.05
CA VAL E 257 -18.64 -35.79 0.00
C VAL E 257 -19.86 -35.25 0.72
N ASN E 258 -19.66 -34.62 1.88
CA ASN E 258 -20.79 -34.05 2.61
C ASN E 258 -21.48 -32.95 1.80
N ALA E 259 -20.72 -32.10 1.13
CA ALA E 259 -21.32 -31.03 0.34
C ALA E 259 -22.03 -31.58 -0.89
N ALA E 260 -21.39 -32.50 -1.62
CA ALA E 260 -21.99 -33.04 -2.83
C ALA E 260 -23.18 -33.95 -2.54
N TYR E 261 -23.29 -34.47 -1.32
CA TYR E 261 -24.48 -35.24 -0.97
C TYR E 261 -25.73 -34.36 -0.96
N ALA E 262 -25.59 -33.12 -0.52
CA ALA E 262 -26.74 -32.23 -0.40
C ALA E 262 -27.12 -31.57 -1.72
N GLY E 263 -26.38 -31.82 -2.79
CA GLY E 263 -26.71 -31.26 -4.08
C GLY E 263 -25.92 -30.06 -4.50
N ILE E 264 -24.73 -29.85 -3.95
CA ILE E 264 -23.83 -28.79 -4.36
C ILE E 264 -22.63 -29.44 -5.05
N PRO E 265 -22.48 -29.29 -6.37
CA PRO E 265 -21.32 -29.88 -7.04
C PRO E 265 -20.02 -29.28 -6.54
N VAL E 266 -19.01 -30.13 -6.38
CA VAL E 266 -17.74 -29.76 -5.77
C VAL E 266 -16.62 -30.13 -6.71
N ILE E 267 -15.69 -29.20 -6.92
CA ILE E 267 -14.54 -29.39 -7.80
C ILE E 267 -13.28 -29.17 -6.99
N ILE E 268 -12.38 -30.16 -6.98
CA ILE E 268 -11.09 -30.04 -6.33
C ILE E 268 -10.06 -29.80 -7.42
N THR E 269 -9.44 -28.62 -7.40
CA THR E 269 -8.54 -28.24 -8.48
C THR E 269 -7.30 -27.58 -7.89
N SER E 270 -6.24 -27.56 -8.70
CA SER E 270 -4.95 -27.03 -8.26
C SER E 270 -4.89 -25.53 -8.50
N GLY E 271 -4.55 -24.78 -7.46
CA GLY E 271 -4.43 -23.35 -7.54
C GLY E 271 -3.10 -22.83 -8.03
N TYR E 272 -2.18 -23.72 -8.39
CA TYR E 272 -0.88 -23.31 -8.91
C TYR E 272 -0.98 -22.71 -10.30
N SER E 273 -2.09 -22.91 -11.00
CA SER E 273 -2.28 -22.38 -12.34
C SER E 273 -3.30 -21.24 -12.30
N ALA E 274 -3.14 -20.30 -13.23
CA ALA E 274 -3.94 -19.09 -13.24
C ALA E 274 -5.22 -19.21 -14.06
N GLU E 275 -5.41 -20.31 -14.79
CA GLU E 275 -6.58 -20.47 -15.65
C GLU E 275 -7.43 -21.68 -15.28
N ASN E 276 -7.15 -22.30 -14.14
CA ASN E 276 -7.93 -23.48 -13.74
C ASN E 276 -9.38 -23.12 -13.46
N ILE E 277 -9.61 -21.96 -12.82
CA ILE E 277 -10.98 -21.55 -12.53
C ILE E 277 -11.77 -21.35 -13.81
N ASP E 278 -11.17 -20.69 -14.81
CA ASP E 278 -11.87 -20.51 -16.08
C ASP E 278 -12.13 -21.86 -16.74
N LYS E 279 -11.17 -22.78 -16.65
CA LYS E 279 -11.34 -24.09 -17.29
C LYS E 279 -12.50 -24.86 -16.67
N VAL E 280 -12.60 -24.87 -15.35
CA VAL E 280 -13.70 -25.60 -14.72
C VAL E 280 -15.02 -24.89 -14.99
N LEU E 281 -15.02 -23.55 -14.96
CA LEU E 281 -16.26 -22.81 -15.20
C LEU E 281 -16.71 -22.87 -16.66
N ARG E 282 -15.83 -23.25 -17.58
CA ARG E 282 -16.21 -23.41 -18.97
C ARG E 282 -16.67 -24.82 -19.32
N GLY E 283 -16.52 -25.77 -18.40
CA GLY E 283 -16.92 -27.13 -18.64
C GLY E 283 -15.82 -28.07 -19.08
N LEU E 284 -14.56 -27.64 -19.02
CA LEU E 284 -13.47 -28.51 -19.42
C LEU E 284 -13.21 -29.60 -18.39
N ARG E 285 -12.45 -30.61 -18.79
CA ARG E 285 -12.09 -31.72 -17.92
C ARG E 285 -10.87 -31.31 -17.10
N VAL E 286 -11.13 -30.73 -15.93
CA VAL E 286 -10.06 -30.30 -15.03
C VAL E 286 -10.47 -30.60 -13.60
N GLY E 287 -9.50 -30.97 -12.77
CA GLY E 287 -9.76 -31.24 -11.37
C GLY E 287 -10.50 -32.54 -11.17
N THR E 288 -10.98 -32.72 -9.94
CA THR E 288 -11.78 -33.87 -9.56
C THR E 288 -13.19 -33.40 -9.22
N LEU E 289 -14.18 -34.09 -9.77
CA LEU E 289 -15.58 -33.69 -9.63
C LEU E 289 -16.28 -34.53 -8.57
N PHE E 290 -17.08 -33.87 -7.75
CA PHE E 290 -17.88 -34.51 -6.71
C PHE E 290 -19.34 -34.13 -6.98
N HIS E 291 -20.08 -35.02 -7.63
CA HIS E 291 -21.47 -34.73 -7.97
C HIS E 291 -22.36 -35.91 -7.61
N GLN E 292 -23.52 -35.62 -7.03
CA GLN E 292 -24.46 -36.68 -6.66
C GLN E 292 -25.17 -37.25 -7.88
N ASP E 293 -25.51 -36.40 -8.86
CA ASP E 293 -26.20 -36.87 -10.05
C ASP E 293 -25.25 -37.59 -11.00
N ALA E 294 -24.01 -37.09 -11.11
CA ALA E 294 -23.05 -37.71 -12.02
C ALA E 294 -22.69 -39.11 -11.57
N ARG E 295 -22.47 -39.31 -10.28
CA ARG E 295 -22.12 -40.63 -9.79
C ARG E 295 -23.28 -41.59 -9.96
N LEU E 296 -22.97 -42.81 -10.39
CA LEU E 296 -23.99 -43.81 -10.66
C LEU E 296 -23.65 -45.14 -9.99
N TYR F 82 32.66 -4.62 22.60
CA TYR F 82 32.07 -5.98 22.52
C TYR F 82 30.80 -6.03 23.37
N ARG F 83 30.93 -5.80 24.67
CA ARG F 83 29.76 -5.94 25.58
C ARG F 83 28.60 -5.10 25.04
N GLN F 84 28.86 -3.88 24.59
CA GLN F 84 27.74 -3.01 24.14
C GLN F 84 26.97 -3.74 23.04
N LEU F 85 27.68 -4.47 22.19
CA LEU F 85 27.02 -5.21 21.09
C LEU F 85 26.41 -6.51 21.65
N VAL F 86 27.16 -7.25 22.47
CA VAL F 86 26.67 -8.57 22.97
C VAL F 86 25.36 -8.34 23.73
N ASN F 87 25.35 -7.40 24.66
CA ASN F 87 24.14 -7.13 25.49
C ASN F 87 23.29 -6.07 24.80
N SER F 88 23.25 -6.11 23.46
CA SER F 88 22.37 -5.15 22.74
C SER F 88 21.32 -5.92 21.92
N SER F 89 20.34 -5.20 21.40
CA SER F 89 19.24 -5.81 20.59
C SER F 89 19.30 -5.27 19.16
N PHE F 90 18.58 -5.86 18.21
CA PHE F 90 18.73 -5.38 16.80
C PHE F 90 18.19 -3.95 16.67
N ALA F 91 17.05 -3.66 17.31
CA ALA F 91 16.41 -2.33 17.18
C ALA F 91 17.26 -1.23 17.85
N ASP F 92 18.00 -1.55 18.90
CA ASP F 92 18.89 -0.54 19.53
C ASP F 92 19.91 -0.08 18.49
N LEU F 93 20.54 -1.03 17.80
CA LEU F 93 21.52 -0.71 16.74
C LEU F 93 20.84 0.14 15.66
N GLN F 94 19.58 -0.14 15.31
CA GLN F 94 18.95 0.59 14.19
C GLN F 94 19.01 2.09 14.46
N LYS F 95 19.55 2.50 15.61
CA LYS F 95 19.62 3.94 15.97
C LYS F 95 21.08 4.41 15.97
N PRO F 96 21.38 5.72 15.83
CA PRO F 96 22.76 6.20 15.89
C PRO F 96 23.44 5.78 17.21
N ASP G 15 -4.64 40.91 5.41
CA ASP G 15 -4.70 42.35 5.67
C ASP G 15 -5.24 43.09 4.46
N ARG G 16 -4.58 44.20 4.12
CA ARG G 16 -4.88 44.94 2.91
C ARG G 16 -3.88 44.70 1.80
N SER G 17 -2.64 44.37 2.14
CA SER G 17 -1.59 44.12 1.16
C SER G 17 -1.50 42.67 0.73
N ARG G 18 -2.28 41.78 1.34
CA ARG G 18 -2.39 40.40 0.88
C ARG G 18 -3.68 40.17 0.10
N ALA G 19 -4.12 41.17 -0.67
CA ALA G 19 -5.35 41.07 -1.44
C ALA G 19 -5.16 40.30 -2.75
N PHE G 20 -3.94 39.95 -3.12
CA PHE G 20 -3.73 39.20 -4.35
C PHE G 20 -4.08 37.73 -4.19
N ALA G 21 -4.45 37.29 -2.99
CA ALA G 21 -4.80 35.90 -2.75
C ALA G 21 -6.20 35.54 -3.22
N ARG G 22 -6.82 36.40 -4.04
CA ARG G 22 -8.15 36.12 -4.57
C ARG G 22 -8.12 35.70 -6.04
N ASP G 23 -7.20 36.23 -6.83
CA ASP G 23 -7.04 35.82 -8.23
C ASP G 23 -6.03 34.70 -8.39
N VAL G 24 -5.51 34.15 -7.29
CA VAL G 24 -4.56 33.06 -7.37
C VAL G 24 -5.22 31.85 -8.01
N LYS G 25 -4.60 31.32 -9.05
CA LYS G 25 -5.11 30.15 -9.76
C LYS G 25 -4.12 28.99 -9.77
N ARG G 26 -2.84 29.26 -9.94
CA ARG G 26 -1.80 28.24 -9.89
C ARG G 26 -0.92 28.49 -8.68
N ILE G 27 -0.61 27.44 -7.93
CA ILE G 27 0.19 27.51 -6.73
C ILE G 27 1.34 26.51 -6.86
N VAL G 28 2.56 26.94 -6.56
CA VAL G 28 3.72 26.07 -6.53
C VAL G 28 4.12 25.89 -5.09
N VAL G 29 3.83 24.71 -4.53
CA VAL G 29 4.07 24.43 -3.12
C VAL G 29 5.35 23.61 -3.00
N LYS G 30 6.29 24.11 -2.22
CA LYS G 30 7.55 23.42 -1.99
C LYS G 30 7.58 22.94 -0.54
N VAL G 31 7.86 21.65 -0.35
CA VAL G 31 7.89 21.07 0.99
C VAL G 31 9.35 20.91 1.41
N GLY G 32 9.65 21.30 2.64
CA GLY G 32 11.02 21.24 3.10
C GLY G 32 11.42 19.85 3.58
N THR G 33 12.70 19.71 3.89
CA THR G 33 13.17 18.47 4.49
C THR G 33 12.72 18.36 5.94
N ALA G 34 12.66 19.49 6.65
CA ALA G 34 12.21 19.49 8.03
C ALA G 34 10.72 19.20 8.16
N VAL G 35 9.98 19.21 7.08
CA VAL G 35 8.56 18.90 7.09
C VAL G 35 8.30 17.43 6.72
N VAL G 36 9.14 16.85 5.87
CA VAL G 36 8.93 15.49 5.43
C VAL G 36 9.42 14.49 6.47
N THR G 37 10.69 14.59 6.86
CA THR G 37 11.31 13.58 7.71
C THR G 37 11.08 13.91 9.18
N GLY G 38 10.52 12.95 9.91
CA GLY G 38 10.25 13.08 11.32
C GLY G 38 11.41 12.60 12.18
N LYS G 39 11.08 12.17 13.39
CA LYS G 39 12.11 11.69 14.30
C LYS G 39 12.64 10.33 13.85
N GLY G 40 13.94 10.14 14.02
CA GLY G 40 14.57 8.90 13.63
C GLY G 40 14.87 8.76 12.15
N GLY G 41 14.63 9.82 11.37
CA GLY G 41 14.86 9.76 9.94
C GLY G 41 13.74 9.13 9.14
N ARG G 42 12.71 8.63 9.79
CA ARG G 42 11.60 8.00 9.10
C ARG G 42 10.66 9.07 8.55
N LEU G 43 9.60 8.64 7.88
CA LEU G 43 8.61 9.57 7.35
C LEU G 43 7.80 10.17 8.49
N ALA G 44 7.46 11.44 8.35
CA ALA G 44 6.50 12.09 9.25
C ALA G 44 5.13 11.89 8.65
N LEU G 45 4.39 10.89 9.15
CA LEU G 45 3.13 10.52 8.53
C LEU G 45 2.04 11.53 8.82
N GLY G 46 2.00 12.09 10.03
CA GLY G 46 0.95 13.05 10.35
C GLY G 46 1.06 14.32 9.53
N ARG G 47 2.26 14.89 9.46
CA ARG G 47 2.46 16.14 8.74
C ARG G 47 2.21 15.98 7.25
N LEU G 48 2.79 14.93 6.65
CA LEU G 48 2.57 14.70 5.23
C LEU G 48 1.13 14.32 4.92
N GLY G 49 0.46 13.60 5.82
CA GLY G 49 -0.94 13.31 5.60
C GLY G 49 -1.80 14.54 5.62
N ALA G 50 -1.57 15.44 6.58
CA ALA G 50 -2.34 16.68 6.63
C ALA G 50 -2.07 17.53 5.39
N LEU G 51 -0.81 17.59 4.96
CA LEU G 51 -0.47 18.35 3.76
C LEU G 51 -1.14 17.77 2.53
N CYS G 52 -1.13 16.45 2.39
CA CYS G 52 -1.79 15.81 1.24
C CYS G 52 -3.29 16.04 1.26
N GLU G 53 -3.91 15.98 2.44
CA GLU G 53 -5.33 16.27 2.54
C GLU G 53 -5.63 17.70 2.10
N GLN G 54 -4.81 18.66 2.55
CA GLN G 54 -5.02 20.05 2.17
C GLN G 54 -4.83 20.24 0.67
N LEU G 55 -3.82 19.59 0.09
CA LEU G 55 -3.57 19.73 -1.34
C LEU G 55 -4.70 19.11 -2.16
N ALA G 56 -5.23 17.97 -1.72
CA ALA G 56 -6.37 17.38 -2.42
C ALA G 56 -7.60 18.27 -2.32
N GLU G 57 -7.82 18.90 -1.16
CA GLU G 57 -8.94 19.83 -1.05
C GLU G 57 -8.75 21.03 -1.96
N LEU G 58 -7.53 21.57 -2.04
CA LEU G 58 -7.28 22.70 -2.94
C LEU G 58 -7.49 22.30 -4.39
N ASN G 59 -6.99 21.13 -4.78
CA ASN G 59 -7.12 20.68 -6.16
C ASN G 59 -8.58 20.43 -6.53
N SER G 60 -9.36 19.90 -5.59
CA SER G 60 -10.79 19.73 -5.83
C SER G 60 -11.50 21.07 -5.87
N ASP G 61 -10.96 22.09 -5.19
CA ASP G 61 -11.62 23.39 -5.14
C ASP G 61 -11.60 24.07 -6.50
N GLY G 62 -10.52 23.93 -7.25
CA GLY G 62 -10.41 24.58 -8.54
C GLY G 62 -9.03 25.16 -8.80
N PHE G 63 -8.13 25.03 -7.83
CA PHE G 63 -6.76 25.48 -8.00
C PHE G 63 -5.98 24.47 -8.82
N GLU G 64 -4.86 24.94 -9.37
CA GLU G 64 -3.92 24.09 -10.08
C GLU G 64 -2.65 24.03 -9.24
N VAL G 65 -2.52 22.96 -8.46
CA VAL G 65 -1.45 22.85 -7.48
C VAL G 65 -0.27 22.11 -8.09
N ILE G 66 0.91 22.69 -7.99
CA ILE G 66 2.17 22.05 -8.36
C ILE G 66 2.97 21.84 -7.10
N LEU G 67 3.42 20.61 -6.88
CA LEU G 67 4.15 20.26 -5.66
C LEU G 67 5.59 19.96 -6.00
N VAL G 68 6.51 20.69 -5.37
CA VAL G 68 7.94 20.44 -5.55
C VAL G 68 8.47 19.75 -4.30
N SER G 69 8.48 18.42 -4.32
CA SER G 69 8.84 17.67 -3.13
C SER G 69 10.32 17.80 -2.81
N SER G 70 10.67 17.46 -1.57
CA SER G 70 12.06 17.47 -1.14
C SER G 70 12.21 16.55 0.06
N GLY G 71 13.46 16.18 0.35
CA GLY G 71 13.75 15.41 1.53
C GLY G 71 13.81 13.91 1.32
N ALA G 72 14.49 13.48 0.27
CA ALA G 72 14.68 12.06 0.03
C ALA G 72 16.02 11.54 0.54
N VAL G 73 17.00 12.42 0.76
CA VAL G 73 18.32 11.96 1.18
C VAL G 73 18.25 11.36 2.58
N GLY G 74 17.49 11.98 3.48
CA GLY G 74 17.38 11.47 4.86
C GLY G 74 16.71 10.11 4.94
N LEU G 75 15.51 9.99 4.36
CA LEU G 75 14.77 8.71 4.39
C LEU G 75 15.63 7.65 3.70
N GLY G 76 16.25 8.00 2.58
CA GLY G 76 17.08 7.04 1.85
C GLY G 76 18.19 6.53 2.74
N ARG G 77 18.88 7.43 3.44
CA ARG G 77 19.98 7.02 4.35
C ARG G 77 19.43 6.12 5.46
N GLN G 78 18.30 6.47 6.08
CA GLN G 78 17.72 5.55 7.09
C GLN G 78 17.54 4.16 6.49
N ARG G 79 16.88 4.06 5.33
CA ARG G 79 16.60 2.73 4.73
C ARG G 79 17.91 1.99 4.47
N LEU G 80 18.92 2.69 3.93
CA LEU G 80 20.18 2.00 3.56
C LEU G 80 20.88 1.53 4.83
N ARG G 81 20.82 2.29 5.93
CA ARG G 81 21.40 1.82 7.22
C ARG G 81 20.65 0.57 7.66
N TYR G 82 19.32 0.58 7.61
CA TYR G 82 18.55 -0.64 7.94
C TYR G 82 19.09 -1.82 7.10
N ARG G 83 19.25 -1.62 5.80
CA ARG G 83 19.67 -2.75 4.92
C ARG G 83 21.06 -3.23 5.35
N GLN G 84 22.00 -2.30 5.54
CA GLN G 84 23.36 -2.68 5.97
C GLN G 84 23.23 -3.55 7.22
N LEU G 85 22.54 -3.08 8.26
CA LEU G 85 22.37 -3.87 9.52
C LEU G 85 21.75 -5.24 9.18
N VAL G 86 20.52 -5.26 8.67
CA VAL G 86 19.81 -6.54 8.41
C VAL G 86 20.77 -7.55 7.76
N ASN G 87 21.48 -7.14 6.71
CA ASN G 87 22.32 -8.12 5.97
C ASN G 87 23.75 -8.08 6.51
N SER G 88 24.02 -7.17 7.45
CA SER G 88 25.37 -7.15 8.08
C SER G 88 25.46 -8.30 9.07
N SER G 89 26.62 -8.46 9.70
CA SER G 89 26.85 -9.58 10.64
C SER G 89 27.57 -9.09 11.89
N PHE G 90 27.35 -9.73 13.05
CA PHE G 90 27.94 -9.26 14.33
C PHE G 90 29.42 -8.89 14.16
N ALA G 91 30.28 -9.89 13.95
CA ALA G 91 31.73 -9.65 13.77
C ALA G 91 31.92 -8.29 13.08
N ASP G 92 31.15 -8.01 12.03
CA ASP G 92 31.30 -6.74 11.27
C ASP G 92 30.87 -5.56 12.14
N LEU G 93 29.72 -5.64 12.80
CA LEU G 93 29.23 -4.53 13.65
C LEU G 93 30.34 -4.20 14.66
N GLN G 94 31.18 -5.18 14.99
CA GLN G 94 32.33 -4.89 15.91
C GLN G 94 33.39 -4.02 15.21
N LYS G 95 33.53 -4.08 13.87
CA LYS G 95 34.48 -3.22 13.10
C LYS G 95 33.96 -1.78 12.94
N PRO G 96 34.74 -0.80 12.44
CA PRO G 96 34.23 0.56 12.24
C PRO G 96 33.15 0.64 11.15
N GLN G 97 32.33 1.70 11.18
CA GLN G 97 31.24 1.88 10.18
C GLN G 97 31.76 2.66 8.97
N THR G 98 30.96 2.78 7.91
CA THR G 98 31.35 3.60 6.74
C THR G 98 30.28 4.65 6.49
N GLU G 99 30.58 5.66 5.67
CA GLU G 99 29.54 6.68 5.33
C GLU G 99 28.82 6.23 4.07
N LEU G 100 27.49 6.17 4.12
CA LEU G 100 26.71 5.67 2.96
C LEU G 100 26.75 6.71 1.85
N ASP G 101 27.00 6.29 0.60
CA ASP G 101 27.08 7.19 -0.53
C ASP G 101 25.88 8.14 -0.54
N GLY G 102 26.11 9.36 -1.03
CA GLY G 102 25.03 10.32 -1.16
C GLY G 102 24.04 9.99 -2.25
N LYS G 103 24.55 9.60 -3.42
CA LYS G 103 23.69 9.30 -4.55
C LYS G 103 22.86 8.04 -4.32
N ALA G 104 23.46 7.02 -3.70
CA ALA G 104 22.70 5.82 -3.36
C ALA G 104 21.57 6.15 -2.40
N CYS G 105 21.85 6.97 -1.38
CA CYS G 105 20.81 7.37 -0.43
C CYS G 105 19.71 8.14 -1.12
N ALA G 106 20.07 9.07 -2.00
CA ALA G 106 19.04 9.84 -2.70
C ALA G 106 18.18 8.96 -3.57
N GLY G 107 18.81 8.03 -4.31
CA GLY G 107 18.04 7.16 -5.17
C GLY G 107 17.09 6.26 -4.39
N VAL G 108 17.55 5.72 -3.28
CA VAL G 108 16.67 4.85 -2.48
C VAL G 108 15.54 5.66 -1.87
N GLY G 109 15.85 6.85 -1.34
CA GLY G 109 14.83 7.64 -0.66
C GLY G 109 13.76 8.18 -1.59
N GLN G 110 14.15 8.57 -2.81
CA GLN G 110 13.20 9.16 -3.74
C GLN G 110 12.08 8.19 -4.07
N SER G 111 12.43 6.93 -4.33
CA SER G 111 11.44 5.95 -4.71
C SER G 111 10.43 5.71 -3.59
N SER G 112 10.92 5.58 -2.36
CA SER G 112 10.02 5.36 -1.23
C SER G 112 9.13 6.56 -0.99
N LEU G 113 9.71 7.76 -1.03
CA LEU G 113 8.91 8.95 -0.79
C LEU G 113 7.80 9.09 -1.82
N MET G 114 8.12 8.88 -3.10
CA MET G 114 7.09 9.08 -4.11
C MET G 114 6.11 7.91 -4.17
N ALA G 115 6.53 6.70 -3.78
CA ALA G 115 5.56 5.62 -3.62
C ALA G 115 4.56 5.94 -2.51
N TYR G 116 5.04 6.50 -1.40
CA TYR G 116 4.14 6.89 -0.32
C TYR G 116 3.21 8.01 -0.76
N TYR G 117 3.73 8.98 -1.52
CA TYR G 117 2.89 10.04 -2.05
C TYR G 117 1.79 9.47 -2.92
N GLU G 118 2.13 8.52 -3.79
CA GLU G 118 1.13 7.89 -4.63
C GLU G 118 0.09 7.16 -3.79
N THR G 119 0.53 6.48 -2.74
CA THR G 119 -0.41 5.76 -1.88
C THR G 119 -1.44 6.70 -1.28
N MET G 120 -0.98 7.79 -0.64
CA MET G 120 -1.96 8.69 -0.04
C MET G 120 -2.79 9.44 -1.07
N PHE G 121 -2.20 9.81 -2.20
CA PHE G 121 -3.01 10.52 -3.19
C PHE G 121 -4.06 9.61 -3.81
N ASP G 122 -3.74 8.32 -3.99
CA ASP G 122 -4.75 7.38 -4.44
C ASP G 122 -5.84 7.21 -3.40
N GLN G 123 -5.45 7.11 -2.12
CA GLN G 123 -6.44 7.01 -1.05
C GLN G 123 -7.30 8.26 -0.95
N LEU G 124 -6.81 9.39 -1.48
CA LEU G 124 -7.54 10.65 -1.48
C LEU G 124 -8.30 10.89 -2.77
N ASP G 125 -8.28 9.93 -3.70
CA ASP G 125 -8.94 10.06 -4.99
C ASP G 125 -8.41 11.24 -5.79
N VAL G 126 -7.09 11.33 -5.88
CA VAL G 126 -6.40 12.31 -6.72
C VAL G 126 -5.23 11.63 -7.40
N THR G 127 -5.08 11.85 -8.69
CA THR G 127 -3.98 11.28 -9.45
C THR G 127 -2.77 12.20 -9.35
N ALA G 128 -1.63 11.64 -8.95
CA ALA G 128 -0.40 12.39 -8.80
C ALA G 128 0.62 11.90 -9.82
N ALA G 129 1.39 12.81 -10.37
CA ALA G 129 2.35 12.49 -11.42
C ALA G 129 3.75 12.93 -10.99
N GLN G 130 4.73 12.14 -11.42
CA GLN G 130 6.14 12.38 -11.00
C GLN G 130 6.99 12.83 -12.19
N LEU G 131 7.53 14.05 -12.12
CA LEU G 131 8.44 14.58 -13.11
C LEU G 131 9.76 14.89 -12.43
N LEU G 132 10.86 14.55 -13.10
CA LEU G 132 12.20 14.80 -12.57
C LEU G 132 12.98 15.63 -13.58
N VAL G 133 13.54 16.74 -13.12
CA VAL G 133 14.24 17.68 -14.00
C VAL G 133 15.60 17.97 -13.39
N ASN G 134 16.65 17.88 -14.21
CA ASN G 134 18.01 18.15 -13.79
C ASN G 134 18.45 19.54 -14.24
N ASP G 135 19.65 19.94 -13.80
CA ASP G 135 20.16 21.27 -14.13
C ASP G 135 20.55 21.35 -15.61
N SER G 136 21.18 20.29 -16.13
CA SER G 136 21.61 20.31 -17.53
C SER G 136 20.42 20.37 -18.49
N SER G 137 19.25 19.93 -18.06
CA SER G 137 18.08 19.94 -18.93
C SER G 137 17.55 21.36 -19.13
N PHE G 138 17.68 22.22 -18.11
CA PHE G 138 17.14 23.57 -18.19
C PHE G 138 17.90 24.48 -19.14
N ARG G 139 19.06 24.04 -19.64
CA ARG G 139 19.86 24.87 -20.53
C ARG G 139 19.25 25.00 -21.93
N ASP G 140 18.22 24.23 -22.24
CA ASP G 140 17.58 24.25 -23.54
C ASP G 140 16.24 24.97 -23.45
N LYS G 141 16.04 25.97 -24.31
CA LYS G 141 14.74 26.70 -24.32
C LYS G 141 13.67 25.74 -24.84
N ASP G 142 14.00 24.91 -25.83
CA ASP G 142 13.02 23.93 -26.31
C ASP G 142 12.61 22.97 -25.21
N PHE G 143 13.53 22.63 -24.31
CA PHE G 143 13.14 21.84 -23.14
C PHE G 143 12.15 22.60 -22.28
N ARG G 144 12.36 23.90 -22.10
CA ARG G 144 11.42 24.69 -21.32
C ARG G 144 10.04 24.66 -21.96
N LYS G 145 9.97 24.80 -23.29
CA LYS G 145 8.68 24.75 -23.97
C LYS G 145 8.02 23.38 -23.80
N GLN G 146 8.82 22.33 -23.94
CA GLN G 146 8.29 20.95 -23.79
C GLN G 146 7.70 20.81 -22.38
N LEU G 147 8.48 21.17 -21.35
CA LEU G 147 8.01 21.02 -19.98
C LEU G 147 6.75 21.83 -19.74
N ASN G 148 6.69 23.04 -20.29
CA ASN G 148 5.49 23.85 -20.13
C ASN G 148 4.28 23.16 -20.75
N GLU G 149 4.45 22.59 -21.94
CA GLU G 149 3.35 21.90 -22.59
C GLU G 149 2.91 20.67 -21.80
N THR G 150 3.87 19.90 -21.30
CA THR G 150 3.53 18.71 -20.50
C THR G 150 2.78 19.11 -19.24
N VAL G 151 3.25 20.14 -18.54
CA VAL G 151 2.60 20.57 -17.32
C VAL G 151 1.20 21.10 -17.61
N LYS G 152 1.03 21.84 -18.71
CA LYS G 152 -0.30 22.32 -19.06
C LYS G 152 -1.26 21.17 -19.32
N SER G 153 -0.79 20.17 -20.08
CA SER G 153 -1.64 19.02 -20.37
C SER G 153 -1.98 18.23 -19.12
N MET G 154 -1.04 18.14 -18.18
CA MET G 154 -1.31 17.40 -16.95
C MET G 154 -2.21 18.16 -16.00
N LEU G 155 -2.13 19.49 -16.00
CA LEU G 155 -3.01 20.28 -15.14
C LEU G 155 -4.42 20.37 -15.71
N ASP G 156 -4.58 20.28 -17.03
CA ASP G 156 -5.92 20.32 -17.60
C ASP G 156 -6.76 19.10 -17.24
N LEU G 157 -6.14 18.04 -16.72
CA LEU G 157 -6.85 16.84 -16.30
C LEU G 157 -6.88 16.69 -14.79
N ARG G 158 -6.56 17.75 -14.06
CA ARG G 158 -6.58 17.76 -12.59
C ARG G 158 -5.62 16.72 -12.02
N VAL G 159 -4.35 16.86 -12.38
CA VAL G 159 -3.26 16.02 -11.89
C VAL G 159 -2.27 16.93 -11.17
N ILE G 160 -1.67 16.41 -10.09
CA ILE G 160 -0.72 17.18 -9.29
C ILE G 160 0.69 16.77 -9.67
N PRO G 161 1.38 17.52 -10.52
CA PRO G 161 2.75 17.15 -10.89
C PRO G 161 3.70 17.32 -9.72
N ILE G 162 4.36 16.24 -9.34
CA ILE G 162 5.26 16.24 -8.19
C ILE G 162 6.68 16.30 -8.74
N PHE G 163 7.23 17.50 -8.84
CA PHE G 163 8.58 17.67 -9.31
C PHE G 163 9.58 17.27 -8.24
N ASN G 164 10.84 17.26 -8.63
CA ASN G 164 11.97 17.09 -7.70
C ASN G 164 13.24 17.34 -8.50
N GLU G 165 14.38 17.11 -7.86
CA GLU G 165 15.68 17.21 -8.50
C GLU G 165 16.30 15.82 -8.59
N ASN G 166 16.78 15.46 -9.77
CA ASN G 166 17.36 14.13 -10.00
C ASN G 166 18.73 14.08 -9.34
N ASP G 167 18.71 13.92 -8.01
CA ASP G 167 19.95 13.81 -7.25
C ASP G 167 20.62 12.45 -7.43
N ALA G 168 19.88 11.44 -7.87
CA ALA G 168 20.40 10.09 -8.03
C ALA G 168 21.15 9.89 -9.33
N ILE G 169 21.18 10.94 -10.17
CA ILE G 169 21.88 10.83 -11.48
C ILE G 169 22.72 12.10 -11.68
N SER G 170 22.49 13.12 -10.84
CA SER G 170 23.21 14.42 -10.99
C SER G 170 24.73 14.19 -10.97
N THR G 171 25.43 14.73 -11.96
CA THR G 171 26.92 14.61 -11.98
C THR G 171 27.51 15.42 -10.83
N ARG G 172 26.92 16.58 -10.53
CA ARG G 172 27.41 17.44 -9.42
C ARG G 172 28.09 16.56 -8.35
N SER G 179 25.97 24.98 -8.14
CA SER G 179 25.68 26.36 -7.76
C SER G 179 25.80 27.29 -8.95
N SER G 180 26.69 26.96 -9.89
CA SER G 180 26.91 27.78 -11.07
C SER G 180 25.76 27.68 -12.07
N GLY G 181 24.87 26.70 -11.93
CA GLY G 181 23.77 26.52 -12.84
C GLY G 181 22.61 27.45 -12.53
N ILE G 182 21.51 27.24 -13.25
CA ILE G 182 20.31 28.04 -13.04
C ILE G 182 19.76 27.82 -11.64
N PHE G 183 19.68 26.56 -11.22
CA PHE G 183 19.20 26.22 -9.88
C PHE G 183 20.15 25.20 -9.26
N TRP G 184 20.29 25.27 -7.95
CA TRP G 184 21.18 24.37 -7.21
C TRP G 184 20.49 23.63 -6.08
N ASP G 185 19.36 24.13 -5.58
CA ASP G 185 18.61 23.47 -4.52
C ASP G 185 17.12 23.63 -4.79
N ASN G 186 16.31 22.84 -4.10
CA ASN G 186 14.87 22.90 -4.31
C ASN G 186 14.30 24.25 -3.87
N ASP G 187 14.99 24.95 -2.96
CA ASP G 187 14.54 26.31 -2.59
C ASP G 187 14.57 27.18 -3.84
N SER G 188 15.56 26.96 -4.72
CA SER G 188 15.65 27.71 -5.96
C SER G 188 14.98 27.01 -7.12
N LEU G 189 14.86 25.69 -7.07
CA LEU G 189 14.11 24.98 -8.11
C LEU G 189 12.65 25.40 -8.09
N ALA G 190 12.08 25.58 -6.89
CA ALA G 190 10.70 26.05 -6.81
C ALA G 190 10.55 27.42 -7.45
N ALA G 191 11.49 28.33 -7.21
CA ALA G 191 11.41 29.65 -7.80
C ALA G 191 11.55 29.58 -9.32
N LEU G 192 12.46 28.74 -9.81
CA LEU G 192 12.64 28.61 -11.25
C LEU G 192 11.38 28.05 -11.91
N LEU G 193 10.77 27.03 -11.30
CA LEU G 193 9.53 26.48 -11.84
C LEU G 193 8.42 27.51 -11.81
N ALA G 194 8.27 28.23 -10.69
CA ALA G 194 7.20 29.21 -10.59
C ALA G 194 7.36 30.30 -11.64
N LEU G 195 8.60 30.75 -11.88
CA LEU G 195 8.80 31.74 -12.92
C LEU G 195 8.51 31.16 -14.30
N GLU G 196 8.93 29.92 -14.54
CA GLU G 196 8.76 29.34 -15.88
C GLU G 196 7.31 28.95 -16.14
N LEU G 197 6.64 28.37 -15.14
CA LEU G 197 5.27 27.91 -15.32
C LEU G 197 4.25 29.02 -15.16
N LYS G 198 4.69 30.25 -14.95
CA LYS G 198 3.80 31.40 -14.78
C LYS G 198 2.83 31.17 -13.63
N ALA G 199 3.34 30.67 -12.51
CA ALA G 199 2.51 30.50 -11.33
C ALA G 199 2.08 31.86 -10.79
N ASP G 200 1.22 31.84 -9.77
CA ASP G 200 0.70 33.06 -9.19
C ASP G 200 1.09 33.28 -7.74
N LEU G 201 1.50 32.23 -7.02
CA LEU G 201 1.95 32.37 -5.65
C LEU G 201 2.79 31.16 -5.29
N LEU G 202 3.90 31.39 -4.60
CA LEU G 202 4.86 30.35 -4.26
C LEU G 202 4.94 30.24 -2.75
N ILE G 203 4.67 29.05 -2.22
CA ILE G 203 4.64 28.81 -0.78
C ILE G 203 5.83 27.94 -0.43
N LEU G 204 6.71 28.44 0.42
CA LEU G 204 7.89 27.68 0.83
C LEU G 204 7.60 27.08 2.21
N LEU G 205 7.19 25.82 2.23
CA LEU G 205 6.85 25.16 3.49
C LEU G 205 8.12 24.83 4.25
N SER G 206 8.32 25.48 5.38
CA SER G 206 9.46 25.22 6.26
C SER G 206 8.93 24.84 7.65
N ASP G 207 9.84 24.69 8.60
CA ASP G 207 9.49 24.34 9.97
C ASP G 207 9.38 25.55 10.89
N VAL G 208 9.55 26.76 10.35
CA VAL G 208 9.50 27.98 11.14
C VAL G 208 8.33 28.82 10.64
N GLU G 209 7.78 29.65 11.53
CA GLU G 209 6.62 30.45 11.17
C GLU G 209 6.91 31.48 10.10
N GLY G 210 8.18 31.74 9.79
CA GLY G 210 8.51 32.65 8.73
C GLY G 210 9.92 33.22 8.81
N LEU G 211 10.03 34.54 8.67
CA LEU G 211 11.30 35.24 8.75
C LEU G 211 11.28 36.15 9.96
N TYR G 212 12.26 36.03 10.83
CA TYR G 212 12.33 36.81 12.06
C TYR G 212 13.41 37.88 11.95
N THR G 213 13.33 38.86 12.86
CA THR G 213 14.32 39.93 12.92
C THR G 213 15.69 39.42 13.36
N GLY G 214 15.77 38.20 13.88
CA GLY G 214 17.03 37.60 14.24
C GLY G 214 16.90 36.10 14.30
N PRO G 215 17.75 35.44 15.07
CA PRO G 215 17.60 34.00 15.29
C PRO G 215 16.27 33.69 15.94
N PRO G 216 15.64 32.57 15.57
CA PRO G 216 14.34 32.23 16.18
C PRO G 216 14.41 32.04 17.68
N SER G 217 15.53 31.54 18.21
CA SER G 217 15.65 31.32 19.64
C SER G 217 15.79 32.62 20.43
N ASP G 218 16.08 33.73 19.76
CA ASP G 218 16.22 35.00 20.45
C ASP G 218 14.85 35.51 20.87
N PRO G 219 14.60 35.75 22.17
CA PRO G 219 13.31 36.29 22.58
C PRO G 219 13.00 37.65 21.98
N ASN G 220 14.02 38.49 21.76
CA ASN G 220 13.80 39.82 21.20
C ASN G 220 13.41 39.78 19.72
N SER G 221 13.55 38.63 19.07
CA SER G 221 13.19 38.53 17.66
C SER G 221 11.68 38.67 17.48
N LYS G 222 11.29 39.27 16.35
CA LYS G 222 9.89 39.48 16.02
C LYS G 222 9.62 39.03 14.59
N LEU G 223 8.39 38.56 14.37
CA LEU G 223 8.00 38.09 13.05
C LEU G 223 7.91 39.26 12.07
N ILE G 224 8.24 38.97 10.80
CA ILE G 224 8.24 40.03 9.75
C ILE G 224 6.93 39.94 8.96
N HIS G 225 6.08 40.96 9.07
CA HIS G 225 4.81 40.97 8.35
C HIS G 225 5.01 40.92 6.84
N THR G 226 5.95 41.69 6.32
CA THR G 226 6.30 41.64 4.91
C THR G 226 7.75 42.07 4.75
N PHE G 227 8.43 41.49 3.76
CA PHE G 227 9.84 41.78 3.56
C PHE G 227 10.00 43.03 2.71
N VAL G 228 10.80 43.98 3.19
CA VAL G 228 11.04 45.25 2.50
C VAL G 228 12.48 45.27 2.03
N LYS G 229 12.68 45.49 0.73
CA LYS G 229 14.03 45.50 0.17
C LYS G 229 14.81 46.75 0.55
N GLU G 230 14.17 47.74 1.17
CA GLU G 230 14.85 48.96 1.55
C GLU G 230 15.10 49.07 3.06
N LYS G 231 14.38 48.25 3.83
CA LYS G 231 14.49 48.31 5.31
C LYS G 231 14.92 46.94 5.85
N HIS G 232 14.03 45.94 5.79
CA HIS G 232 14.35 44.59 6.32
C HIS G 232 15.50 43.97 5.52
N GLN G 233 15.83 44.56 4.37
CA GLN G 233 16.89 44.01 3.49
C GLN G 233 18.11 43.62 4.31
N ASP G 234 18.62 44.52 5.16
CA ASP G 234 19.86 44.24 5.93
C ASP G 234 19.56 44.22 7.43
N GLU G 235 18.29 44.01 7.81
CA GLU G 235 17.91 44.03 9.25
C GLU G 235 17.84 42.59 9.78
N ILE G 236 18.26 41.60 8.98
CA ILE G 236 18.14 40.18 9.41
C ILE G 236 19.50 39.49 9.26
N THR G 237 19.87 38.65 10.23
CA THR G 237 21.16 37.91 10.17
C THR G 237 20.89 36.41 10.12
N PHE G 238 21.67 35.66 9.32
CA PHE G 238 21.48 34.20 9.19
C PHE G 238 22.77 33.48 9.63
N GLY G 248 20.67 26.83 4.11
CA GLY G 248 19.90 27.26 5.27
C GLY G 248 18.77 28.19 4.90
N MET G 249 18.40 29.07 5.84
CA MET G 249 17.34 30.03 5.56
C MET G 249 17.83 31.17 4.67
N THR G 250 19.14 31.41 4.63
CA THR G 250 19.65 32.45 3.74
C THR G 250 19.41 32.08 2.28
N ALA G 251 19.54 30.80 1.93
CA ALA G 251 19.22 30.38 0.57
C ALA G 251 17.74 30.56 0.28
N LYS G 252 16.88 30.25 1.26
CA LYS G 252 15.45 30.48 1.09
C LYS G 252 15.15 31.95 0.83
N VAL G 253 15.78 32.84 1.61
CA VAL G 253 15.52 34.27 1.44
C VAL G 253 16.05 34.75 0.09
N LYS G 254 17.21 34.25 -0.32
CA LYS G 254 17.76 34.66 -1.62
C LYS G 254 16.86 34.22 -2.76
N ALA G 255 16.38 32.97 -2.71
CA ALA G 255 15.47 32.48 -3.74
C ALA G 255 14.15 33.25 -3.72
N ALA G 256 13.66 33.57 -2.53
CA ALA G 256 12.43 34.34 -2.42
C ALA G 256 12.60 35.73 -3.03
N VAL G 257 13.73 36.39 -2.76
CA VAL G 257 13.95 37.71 -3.33
C VAL G 257 14.06 37.63 -4.84
N ASN G 258 14.77 36.63 -5.35
CA ASN G 258 14.90 36.47 -6.79
C ASN G 258 13.54 36.22 -7.45
N ALA G 259 12.69 35.40 -6.83
CA ALA G 259 11.38 35.12 -7.40
C ALA G 259 10.47 36.33 -7.32
N ALA G 260 10.43 37.00 -6.17
CA ALA G 260 9.55 38.16 -6.01
C ALA G 260 10.01 39.36 -6.82
N TYR G 261 11.28 39.41 -7.21
CA TYR G 261 11.72 40.48 -8.09
C TYR G 261 11.05 40.40 -9.46
N ALA G 262 10.84 39.18 -9.95
CA ALA G 262 10.29 38.99 -11.29
C ALA G 262 8.77 39.11 -11.31
N GLY G 263 8.12 39.32 -10.18
CA GLY G 263 6.69 39.49 -10.14
C GLY G 263 5.90 38.29 -9.72
N ILE G 264 6.50 37.35 -9.00
CA ILE G 264 5.80 36.20 -8.44
C ILE G 264 5.77 36.37 -6.93
N PRO G 265 4.60 36.63 -6.33
CA PRO G 265 4.56 36.77 -4.87
C PRO G 265 4.93 35.48 -4.18
N VAL G 266 5.69 35.61 -3.09
CA VAL G 266 6.27 34.48 -2.38
C VAL G 266 5.87 34.55 -0.92
N ILE G 267 5.42 33.42 -0.38
CA ILE G 267 4.99 33.32 1.01
C ILE G 267 5.81 32.24 1.68
N ILE G 268 6.48 32.58 2.79
CA ILE G 268 7.23 31.63 3.58
C ILE G 268 6.38 31.31 4.81
N THR G 269 5.95 30.06 4.91
CA THR G 269 5.02 29.69 5.97
C THR G 269 5.43 28.35 6.56
N SER G 270 4.94 28.09 7.77
CA SER G 270 5.31 26.89 8.51
C SER G 270 4.38 25.74 8.13
N GLY G 271 4.96 24.61 7.75
CA GLY G 271 4.21 23.43 7.39
C GLY G 271 3.80 22.54 8.52
N TYR G 272 4.11 22.94 9.77
CA TYR G 272 3.73 22.14 10.93
C TYR G 272 2.23 22.19 11.19
N SER G 273 1.52 23.15 10.59
CA SER G 273 0.08 23.29 10.77
C SER G 273 -0.65 22.87 9.50
N ALA G 274 -1.87 22.36 9.67
CA ALA G 274 -2.63 21.79 8.57
C ALA G 274 -3.51 22.80 7.85
N GLU G 275 -3.63 24.03 8.37
CA GLU G 275 -4.51 25.02 7.77
C GLU G 275 -3.76 26.28 7.33
N ASN G 276 -2.43 26.25 7.33
CA ASN G 276 -1.67 27.43 6.92
C ASN G 276 -1.89 27.75 5.45
N ILE G 277 -1.97 26.72 4.60
CA ILE G 277 -2.19 26.96 3.17
C ILE G 277 -3.53 27.64 2.94
N ASP G 278 -4.58 27.17 3.62
CA ASP G 278 -5.88 27.81 3.47
C ASP G 278 -5.84 29.25 3.98
N LYS G 279 -5.11 29.48 5.09
CA LYS G 279 -5.05 30.82 5.65
C LYS G 279 -4.37 31.80 4.69
N VAL G 280 -3.26 31.39 4.08
CA VAL G 280 -2.59 32.30 3.15
C VAL G 280 -3.42 32.47 1.88
N LEU G 281 -4.05 31.40 1.41
CA LEU G 281 -4.86 31.50 0.20
C LEU G 281 -6.15 32.27 0.41
N ARG G 282 -6.59 32.47 1.66
CA ARG G 282 -7.76 33.27 1.94
C ARG G 282 -7.45 34.73 2.19
N GLY G 283 -6.18 35.10 2.28
CA GLY G 283 -5.79 36.47 2.51
C GLY G 283 -5.49 36.83 3.95
N LEU G 284 -5.39 35.85 4.84
CA LEU G 284 -5.10 36.15 6.23
C LEU G 284 -3.64 36.53 6.41
N ARG G 285 -3.34 37.10 7.58
CA ARG G 285 -1.98 37.50 7.92
C ARG G 285 -1.25 36.29 8.49
N VAL G 286 -0.59 35.55 7.60
CA VAL G 286 0.17 34.37 8.00
C VAL G 286 1.45 34.31 7.20
N GLY G 287 2.53 33.83 7.81
CA GLY G 287 3.79 33.69 7.13
C GLY G 287 4.47 35.02 6.88
N THR G 288 5.50 34.97 6.05
CA THR G 288 6.23 36.15 5.61
C THR G 288 6.02 36.35 4.13
N LEU G 289 5.69 37.58 3.74
CA LEU G 289 5.34 37.90 2.36
C LEU G 289 6.52 38.54 1.64
N PHE G 290 6.74 38.12 0.40
CA PHE G 290 7.77 38.67 -0.47
C PHE G 290 7.08 39.17 -1.73
N HIS G 291 6.82 40.47 -1.79
CA HIS G 291 6.12 41.04 -2.94
C HIS G 291 6.83 42.30 -3.42
N GLN G 292 6.95 42.44 -4.74
CA GLN G 292 7.61 43.61 -5.31
C GLN G 292 6.71 44.84 -5.23
N ASP G 293 5.40 44.67 -5.43
CA ASP G 293 4.48 45.81 -5.38
C ASP G 293 4.21 46.24 -3.95
N ALA G 294 4.12 45.27 -3.03
CA ALA G 294 3.84 45.61 -1.63
C ALA G 294 4.98 46.40 -1.02
N ARG G 295 6.21 45.99 -1.27
CA ARG G 295 7.35 46.70 -0.70
C ARG G 295 7.45 48.10 -1.29
N LEU G 296 7.74 49.07 -0.43
CA LEU G 296 7.80 50.47 -0.84
C LEU G 296 9.09 51.13 -0.35
N TYR H 82 27.82 -20.26 20.36
CA TYR H 82 28.31 -18.85 20.37
C TYR H 82 28.81 -18.49 18.97
N ARG H 83 29.82 -19.19 18.49
CA ARG H 83 30.43 -18.82 17.18
C ARG H 83 29.34 -18.73 16.11
N GLN H 84 28.40 -19.67 16.08
CA GLN H 84 27.38 -19.66 15.02
C GLN H 84 26.65 -18.31 15.05
N LEU H 85 26.42 -17.78 16.25
CA LEU H 85 25.73 -16.48 16.38
C LEU H 85 26.72 -15.34 16.10
N VAL H 86 27.93 -15.41 16.67
CA VAL H 86 28.91 -14.29 16.51
C VAL H 86 29.19 -14.09 15.02
N ASN H 87 29.51 -15.17 14.31
CA ASN H 87 29.84 -15.08 12.86
C ASN H 87 28.57 -15.26 12.05
N SER H 88 27.44 -14.74 12.55
CA SER H 88 26.19 -14.82 11.76
C SER H 88 25.67 -13.42 11.46
N SER H 89 24.68 -13.32 10.58
CA SER H 89 24.08 -12.01 10.18
C SER H 89 22.61 -11.97 10.61
N PHE H 90 21.95 -10.81 10.59
CA PHE H 90 20.55 -10.78 11.10
C PHE H 90 19.63 -11.59 10.20
N ALA H 91 19.82 -11.51 8.88
CA ALA H 91 18.93 -12.21 7.92
C ALA H 91 19.11 -13.73 8.00
N ASP H 92 20.32 -14.21 8.32
CA ASP H 92 20.52 -15.68 8.47
C ASP H 92 19.61 -16.18 9.59
N LEU H 93 19.62 -15.49 10.73
CA LEU H 93 18.75 -15.86 11.86
C LEU H 93 17.28 -15.82 11.42
N GLN H 94 16.84 -14.83 10.64
CA GLN H 94 15.38 -14.76 10.35
C GLN H 94 14.91 -16.12 9.80
N LYS H 95 15.83 -17.06 9.53
CA LYS H 95 15.44 -18.36 8.93
C LYS H 95 15.50 -19.45 10.01
N PRO H 96 14.79 -20.59 9.87
CA PRO H 96 14.89 -21.68 10.86
C PRO H 96 16.34 -22.13 11.05
#